data_3BJ3
#
_entry.id   3BJ3
#
_cell.length_a   57.730
_cell.length_b   84.897
_cell.length_c   121.475
_cell.angle_alpha   90.00
_cell.angle_beta   90.00
_cell.angle_gamma   90.00
#
_symmetry.space_group_name_H-M   'P 21 21 21'
#
loop_
_entity.id
_entity.type
_entity.pdbx_description
1 polymer 'hemoglobin alpha'
2 polymer 'hemoglobin beta'
3 non-polymer 'PROTOPORPHYRIN IX CONTAINING FE'
4 non-polymer 'ACETYL GROUP'
5 water water
#
loop_
_entity_poly.entity_id
_entity_poly.type
_entity_poly.pdbx_seq_one_letter_code
_entity_poly.pdbx_strand_id
1 'polypeptide(L)'
;SLSSKDKDAVKALWGKIADKAEEIGADALGRMLAVYPQTKTYFSHWKDLSPGSAPVNKHGKTIMGGLVDAVASIDDLNAG
LLALSELHAFTLRVDPANFKILSHCILVQLAVKFPKDFTPEVHLSYDKFFSAVARALAEKYR
;
A,C
2 'polypeptide(L)'
;VVWTDFERATIADIFSKLDYEAVGGATLARCLIVYPWTQRYFGNFGNLYNAAAIMGNPMIAKHGTTILHGLDRAVKNMDN
IKATYAELSVLHSEKLHVDPDNFKLLSDCLTIVVAAQLGKAFSGEVQAAFQKFLSVVVSALGKQYH
;
B,D
#
loop_
_chem_comp.id
_chem_comp.type
_chem_comp.name
_chem_comp.formula
ACE non-polymer 'ACETYL GROUP' 'C2 H4 O'
HEM non-polymer 'PROTOPORPHYRIN IX CONTAINING FE' 'C34 H32 Fe N4 O4'
#
# COMPACT_ATOMS: atom_id res chain seq x y z
N SER A 1 6.54 -15.37 -6.82
CA SER A 1 7.40 -16.25 -7.65
C SER A 1 7.03 -16.19 -9.13
N LEU A 2 8.07 -15.97 -9.93
CA LEU A 2 7.98 -15.86 -11.37
C LEU A 2 7.97 -17.25 -11.99
N SER A 3 7.02 -17.48 -12.90
CA SER A 3 6.97 -18.70 -13.68
C SER A 3 8.08 -18.66 -14.73
N SER A 4 8.31 -19.80 -15.38
CA SER A 4 9.24 -19.87 -16.49
C SER A 4 8.77 -18.92 -17.61
N LYS A 5 7.46 -18.88 -17.89
CA LYS A 5 6.82 -17.90 -18.80
C LYS A 5 7.16 -16.42 -18.49
N ASP A 6 7.05 -16.02 -17.23
CA ASP A 6 7.36 -14.66 -16.78
C ASP A 6 8.80 -14.27 -17.05
N LYS A 7 9.72 -15.11 -16.57
CA LYS A 7 11.17 -14.96 -16.77
C LYS A 7 11.49 -14.83 -18.26
N ASP A 8 10.77 -15.61 -19.06
CA ASP A 8 10.96 -15.62 -20.51
CA ASP A 8 10.95 -15.66 -20.51
C ASP A 8 10.47 -14.34 -21.15
N ALA A 9 9.33 -13.83 -20.71
CA ALA A 9 8.77 -12.59 -21.25
C ALA A 9 9.67 -11.41 -20.89
N VAL A 10 10.18 -11.45 -19.67
CA VAL A 10 11.05 -10.40 -19.16
C VAL A 10 12.42 -10.38 -19.86
N LYS A 11 13.02 -11.55 -20.07
CA LYS A 11 14.29 -11.63 -20.78
C LYS A 11 14.16 -11.22 -22.24
N ALA A 12 13.03 -11.57 -22.87
CA ALA A 12 12.74 -11.17 -24.25
C ALA A 12 12.62 -9.66 -24.39
N LEU A 13 11.84 -9.04 -23.50
CA LEU A 13 11.74 -7.58 -23.43
C LEU A 13 13.11 -6.94 -23.28
N TRP A 14 13.91 -7.43 -22.33
CA TRP A 14 15.21 -6.87 -22.07
C TRP A 14 16.10 -7.05 -23.31
N GLY A 15 15.97 -8.21 -23.95
CA GLY A 15 16.60 -8.48 -25.24
C GLY A 15 16.22 -7.43 -26.27
N LYS A 16 14.92 -7.12 -26.36
CA LYS A 16 14.39 -6.12 -27.32
C LYS A 16 14.85 -4.69 -27.08
N ILE A 17 15.02 -4.32 -25.82
CA ILE A 17 15.42 -2.95 -25.48
C ILE A 17 16.92 -2.71 -25.67
N ALA A 18 17.70 -3.80 -25.53
CA ALA A 18 19.16 -3.76 -25.31
C ALA A 18 19.86 -2.53 -25.84
N ASP A 19 19.72 -2.28 -27.14
CA ASP A 19 20.19 -1.05 -27.77
C ASP A 19 20.03 0.19 -26.87
N LYS A 20 18.78 0.51 -26.50
CA LYS A 20 18.42 1.80 -25.94
C LYS A 20 18.32 1.86 -24.42
N ALA A 21 18.87 0.87 -23.71
CA ALA A 21 18.71 0.74 -22.26
C ALA A 21 19.10 2.00 -21.50
N GLU A 22 20.25 2.59 -21.85
CA GLU A 22 20.74 3.79 -21.15
C GLU A 22 19.74 4.94 -21.30
N GLU A 23 19.23 5.06 -22.52
CA GLU A 23 18.28 6.10 -22.90
C GLU A 23 16.93 5.91 -22.18
N ILE A 24 16.40 4.68 -22.23
CA ILE A 24 15.19 4.30 -21.50
C ILE A 24 15.35 4.59 -20.00
N GLY A 25 16.51 4.27 -19.46
CA GLY A 25 16.81 4.54 -18.07
C GLY A 25 16.77 6.04 -17.80
N ALA A 26 17.34 6.79 -18.74
CA ALA A 26 17.36 8.25 -18.66
C ALA A 26 15.95 8.84 -18.63
N ASP A 27 15.14 8.53 -19.63
CA ASP A 27 13.80 9.10 -19.74
C ASP A 27 12.91 8.65 -18.58
N ALA A 28 13.04 7.38 -18.19
CA ALA A 28 12.20 6.85 -17.11
C ALA A 28 12.52 7.50 -15.77
N LEU A 29 13.80 7.76 -15.50
CA LEU A 29 14.16 8.46 -14.26
C LEU A 29 13.63 9.89 -14.31
N GLY A 30 13.68 10.50 -15.50
CA GLY A 30 13.16 11.85 -15.74
C GLY A 30 11.65 11.95 -15.54
N ARG A 31 10.92 10.92 -15.98
CA ARG A 31 9.46 10.75 -15.64
C ARG A 31 9.20 10.72 -14.14
N MET A 32 9.94 9.88 -13.40
CA MET A 32 9.76 9.79 -11.96
C MET A 32 9.91 11.15 -11.29
N LEU A 33 11.03 11.82 -11.57
CA LEU A 33 11.31 13.10 -10.94
C LEU A 33 10.25 14.16 -11.20
N ALA A 34 9.71 14.20 -12.42
CA ALA A 34 8.68 15.15 -12.80
C ALA A 34 7.29 14.72 -12.33
N VAL A 35 6.93 13.46 -12.57
CA VAL A 35 5.58 12.97 -12.29
C VAL A 35 5.34 12.71 -10.80
N TYR A 36 6.42 12.39 -10.09
CA TYR A 36 6.37 12.08 -8.65
C TYR A 36 7.48 12.82 -7.92
N PRO A 37 7.32 14.13 -7.72
CA PRO A 37 8.41 14.93 -7.15
C PRO A 37 8.82 14.59 -5.71
N GLN A 38 7.99 13.81 -5.00
N GLN A 38 7.99 13.85 -4.99
CA GLN A 38 8.33 13.25 -3.68
CA GLN A 38 8.39 13.33 -3.68
C GLN A 38 9.67 12.48 -3.74
C GLN A 38 9.75 12.63 -3.75
N THR A 39 10.16 12.22 -4.95
CA THR A 39 11.38 11.44 -5.16
C THR A 39 12.61 12.30 -5.33
N LYS A 40 12.40 13.58 -5.63
CA LYS A 40 13.49 14.53 -5.82
C LYS A 40 14.45 14.57 -4.62
N THR A 41 13.92 14.44 -3.41
CA THR A 41 14.69 14.46 -2.16
C THR A 41 15.89 13.51 -2.14
N TYR A 42 15.76 12.37 -2.80
CA TYR A 42 16.84 11.39 -2.87
C TYR A 42 18.02 11.77 -3.77
N PHE A 43 17.79 12.72 -4.68
CA PHE A 43 18.76 13.06 -5.73
C PHE A 43 19.14 14.55 -5.70
N SER A 44 18.68 15.27 -4.67
CA SER A 44 18.93 16.71 -4.55
C SER A 44 20.41 17.08 -4.38
N HIS A 45 21.24 16.06 -4.12
CA HIS A 45 22.69 16.23 -4.01
C HIS A 45 23.36 16.49 -5.36
N TRP A 46 22.72 16.08 -6.46
CA TRP A 46 23.14 16.53 -7.79
C TRP A 46 22.81 18.02 -7.88
N LYS A 47 23.33 18.71 -8.88
CA LYS A 47 22.90 20.10 -9.08
C LYS A 47 22.15 20.34 -10.40
N ASP A 48 21.54 19.26 -10.89
CA ASP A 48 20.60 19.31 -12.01
C ASP A 48 19.76 18.03 -11.95
N LEU A 49 18.51 18.16 -11.50
CA LEU A 49 17.53 17.06 -11.50
C LEU A 49 16.71 17.12 -12.79
N SER A 50 16.84 18.21 -13.54
CA SER A 50 16.05 18.41 -14.75
C SER A 50 16.35 17.31 -15.77
N PRO A 51 15.30 16.62 -16.30
CA PRO A 51 15.58 15.51 -17.22
C PRO A 51 16.29 15.98 -18.49
N GLY A 52 17.12 15.09 -19.06
CA GLY A 52 17.94 15.45 -20.21
C GLY A 52 19.35 15.89 -19.82
N SER A 53 19.54 16.16 -18.52
CA SER A 53 20.87 16.53 -17.95
C SER A 53 21.71 15.26 -17.59
N ALA A 54 23.06 15.38 -17.74
CA ALA A 54 24.01 14.25 -17.42
C ALA A 54 23.79 13.47 -16.11
N PRO A 55 23.51 14.09 -14.96
CA PRO A 55 23.25 13.29 -13.78
C PRO A 55 22.09 12.32 -13.96
N VAL A 56 20.97 12.77 -14.52
CA VAL A 56 19.84 11.89 -14.87
C VAL A 56 20.31 10.82 -15.88
N ASN A 57 21.02 11.24 -16.91
CA ASN A 57 21.57 10.29 -17.91
C ASN A 57 22.43 9.20 -17.28
N LYS A 58 23.48 9.65 -16.53
CA LYS A 58 24.45 8.75 -15.92
C LYS A 58 23.79 7.83 -14.91
N HIS A 59 22.79 8.35 -14.20
CA HIS A 59 22.08 7.56 -13.20
C HIS A 59 21.06 6.63 -13.81
N GLY A 60 20.40 7.08 -14.87
CA GLY A 60 19.51 6.23 -15.67
C GLY A 60 20.20 4.94 -16.15
N LYS A 61 21.47 5.07 -16.57
CA LYS A 61 22.31 3.94 -16.95
C LYS A 61 22.38 2.91 -15.83
N THR A 62 22.81 3.36 -14.68
CA THR A 62 23.16 2.48 -13.60
C THR A 62 21.90 1.79 -13.08
N ILE A 63 20.76 2.46 -13.15
CA ILE A 63 19.46 1.85 -12.82
C ILE A 63 19.22 0.67 -13.76
N MET A 64 19.37 0.91 -15.06
CA MET A 64 19.16 -0.11 -16.07
C MET A 64 20.28 -1.14 -15.98
N GLY A 65 21.50 -0.65 -15.70
CA GLY A 65 22.63 -1.49 -15.26
C GLY A 65 22.23 -2.38 -14.10
N GLY A 66 21.45 -1.85 -13.16
CA GLY A 66 20.93 -2.63 -12.00
C GLY A 66 19.87 -3.66 -12.37
N LEU A 67 18.98 -3.31 -13.30
CA LEU A 67 17.94 -4.23 -13.78
C LEU A 67 18.44 -5.39 -14.65
N VAL A 68 19.39 -5.13 -15.54
CA VAL A 68 19.97 -6.20 -16.35
C VAL A 68 20.69 -7.20 -15.47
N ASP A 69 21.42 -6.69 -14.48
CA ASP A 69 21.95 -7.55 -13.41
C ASP A 69 20.80 -8.38 -12.79
N ALA A 70 19.74 -7.71 -12.39
CA ALA A 70 18.52 -8.36 -11.86
C ALA A 70 17.99 -9.43 -12.83
N VAL A 71 17.89 -9.09 -14.11
CA VAL A 71 17.50 -10.04 -15.15
C VAL A 71 18.44 -11.23 -15.22
N ALA A 72 19.76 -10.97 -15.19
CA ALA A 72 20.79 -12.03 -15.12
C ALA A 72 20.57 -12.98 -13.95
N SER A 73 20.19 -12.43 -12.80
CA SER A 73 20.00 -13.19 -11.56
C SER A 73 18.52 -13.46 -11.21
N ILE A 74 17.71 -13.61 -12.25
CA ILE A 74 16.25 -13.67 -12.08
C ILE A 74 15.73 -14.87 -11.27
N ASP A 75 16.53 -15.93 -11.18
CA ASP A 75 16.15 -17.16 -10.50
C ASP A 75 16.20 -17.04 -8.98
N ASP A 76 17.00 -16.09 -8.51
CA ASP A 76 17.09 -15.75 -7.09
C ASP A 76 17.41 -14.27 -6.94
N LEU A 77 16.38 -13.44 -7.00
CA LEU A 77 16.58 -12.00 -6.88
C LEU A 77 17.11 -11.55 -5.53
N ASN A 78 16.62 -12.19 -4.47
CA ASN A 78 17.06 -12.00 -3.09
C ASN A 78 18.59 -12.03 -2.99
N ALA A 79 19.18 -13.12 -3.45
CA ALA A 79 20.64 -13.27 -3.41
C ALA A 79 21.34 -12.36 -4.41
N GLY A 80 20.75 -12.19 -5.59
CA GLY A 80 21.40 -11.46 -6.69
C GLY A 80 21.49 -9.95 -6.51
N LEU A 81 20.66 -9.40 -5.63
CA LEU A 81 20.58 -7.95 -5.42
C LEU A 81 20.85 -7.59 -3.97
N LEU A 82 21.57 -8.47 -3.25
CA LEU A 82 21.86 -8.30 -1.83
C LEU A 82 22.56 -6.96 -1.57
N ALA A 83 23.67 -6.72 -2.27
CA ALA A 83 24.46 -5.48 -2.13
C ALA A 83 23.66 -4.20 -2.44
N LEU A 84 22.87 -4.20 -3.50
CA LEU A 84 21.96 -3.10 -3.83
C LEU A 84 20.84 -2.90 -2.79
N SER A 85 20.37 -4.00 -2.21
CA SER A 85 19.38 -3.92 -1.15
C SER A 85 19.98 -3.28 0.09
N GLU A 86 21.21 -3.66 0.42
CA GLU A 86 21.96 -3.00 1.51
C GLU A 86 22.09 -1.50 1.32
N LEU A 87 22.45 -1.08 0.11
CA LEU A 87 22.53 0.32 -0.25
C LEU A 87 21.18 1.10 -0.21
N HIS A 88 20.12 0.50 -0.74
CA HIS A 88 18.82 1.18 -0.81
C HIS A 88 18.00 1.13 0.46
N ALA A 89 17.80 -0.08 0.98
CA ALA A 89 16.93 -0.28 2.12
C ALA A 89 17.61 0.07 3.43
N PHE A 90 18.91 -0.24 3.52
CA PHE A 90 19.66 0.02 4.74
C PHE A 90 20.18 1.44 4.72
N THR A 91 21.29 1.67 4.02
CA THR A 91 21.98 2.99 3.99
C THR A 91 21.02 4.17 3.74
N LEU A 92 20.40 4.18 2.57
CA LEU A 92 19.60 5.32 2.08
C LEU A 92 18.18 5.41 2.62
N ARG A 93 17.74 4.35 3.30
CA ARG A 93 16.37 4.22 3.81
C ARG A 93 15.33 4.71 2.80
N VAL A 94 15.47 4.25 1.55
CA VAL A 94 14.49 4.53 0.53
C VAL A 94 13.13 3.97 0.97
N ASP A 95 12.14 4.85 1.10
CA ASP A 95 10.76 4.44 1.35
C ASP A 95 10.32 3.47 0.23
N PRO A 96 9.68 2.34 0.61
CA PRO A 96 9.44 1.25 -0.33
C PRO A 96 8.40 1.57 -1.38
N ALA A 97 7.50 2.52 -1.07
CA ALA A 97 6.54 3.01 -2.04
C ALA A 97 7.27 3.52 -3.28
N ASN A 98 8.52 3.95 -3.11
CA ASN A 98 9.28 4.55 -4.20
C ASN A 98 9.71 3.54 -5.27
N PHE A 99 9.96 2.30 -4.87
CA PHE A 99 10.34 1.26 -5.84
C PHE A 99 9.20 1.03 -6.83
N LYS A 100 7.97 1.04 -6.31
CA LYS A 100 6.75 0.96 -7.12
C LYS A 100 6.67 2.12 -8.13
N ILE A 101 7.02 3.33 -7.71
CA ILE A 101 6.96 4.54 -8.59
C ILE A 101 7.95 4.44 -9.75
N LEU A 102 9.19 4.09 -9.44
CA LEU A 102 10.20 3.97 -10.51
C LEU A 102 9.85 2.86 -11.51
N SER A 103 9.51 1.70 -10.99
CA SER A 103 8.97 0.57 -11.77
C SER A 103 7.88 1.03 -12.74
N HIS A 104 6.91 1.77 -12.19
CA HIS A 104 5.81 2.30 -13.01
C HIS A 104 6.33 3.19 -14.16
N CYS A 105 7.26 4.09 -13.86
CA CYS A 105 7.76 5.02 -14.88
C CYS A 105 8.58 4.33 -15.96
N ILE A 106 9.25 3.26 -15.57
CA ILE A 106 9.99 2.42 -16.50
C ILE A 106 8.99 1.74 -17.44
N LEU A 107 7.94 1.13 -16.89
CA LEU A 107 6.93 0.51 -17.75
C LEU A 107 6.30 1.52 -18.70
N VAL A 108 6.02 2.72 -18.21
CA VAL A 108 5.36 3.76 -19.01
C VAL A 108 6.25 4.21 -20.18
N GLN A 109 7.53 4.41 -19.89
CA GLN A 109 8.50 4.80 -20.92
C GLN A 109 8.53 3.66 -21.96
N LEU A 110 8.60 2.43 -21.49
CA LEU A 110 8.64 1.27 -22.42
C LEU A 110 7.38 1.15 -23.26
N ALA A 111 6.22 1.36 -22.62
CA ALA A 111 4.92 1.31 -23.29
C ALA A 111 4.87 2.23 -24.49
N VAL A 112 5.48 3.42 -24.38
CA VAL A 112 5.47 4.45 -25.41
C VAL A 112 6.34 4.08 -26.62
N LYS A 113 7.18 3.06 -26.45
CA LYS A 113 8.12 2.67 -27.47
C LYS A 113 7.81 1.28 -27.97
N PHE A 114 7.37 0.42 -27.06
CA PHE A 114 7.16 -0.98 -27.36
C PHE A 114 5.71 -1.38 -27.15
N PRO A 115 4.76 -0.64 -27.79
CA PRO A 115 3.34 -0.79 -27.45
C PRO A 115 2.82 -2.19 -27.74
N LYS A 116 3.39 -2.83 -28.75
CA LYS A 116 2.95 -4.15 -29.19
C LYS A 116 3.31 -5.23 -28.16
N ASP A 117 4.31 -4.93 -27.34
CA ASP A 117 4.80 -5.87 -26.34
C ASP A 117 4.02 -5.79 -25.06
N PHE A 118 3.16 -4.78 -24.97
CA PHE A 118 2.37 -4.58 -23.78
C PHE A 118 0.97 -5.15 -23.92
N THR A 119 0.92 -6.43 -24.25
CA THR A 119 -0.29 -7.21 -24.12
C THR A 119 -0.53 -7.37 -22.58
N PRO A 120 -1.78 -7.62 -22.17
CA PRO A 120 -2.11 -7.87 -20.78
C PRO A 120 -1.24 -8.91 -20.07
N GLU A 121 -1.01 -10.04 -20.71
CA GLU A 121 -0.25 -11.15 -20.12
C GLU A 121 1.25 -10.84 -19.99
N VAL A 122 1.78 -10.09 -20.95
CA VAL A 122 3.16 -9.62 -20.90
C VAL A 122 3.37 -8.52 -19.85
N HIS A 123 2.40 -7.61 -19.75
CA HIS A 123 2.40 -6.58 -18.74
C HIS A 123 2.36 -7.20 -17.33
N LEU A 124 1.51 -8.19 -17.13
CA LEU A 124 1.47 -8.92 -15.88
C LEU A 124 2.85 -9.51 -15.51
N SER A 125 3.53 -10.14 -16.47
CA SER A 125 4.89 -10.67 -16.25
C SER A 125 5.90 -9.58 -15.87
N TYR A 126 5.84 -8.45 -16.56
CA TYR A 126 6.70 -7.32 -16.25
C TYR A 126 6.45 -6.84 -14.84
N ASP A 127 5.19 -6.72 -14.49
CA ASP A 127 4.79 -6.22 -13.19
C ASP A 127 5.16 -7.19 -12.06
N LYS A 128 5.02 -8.49 -12.27
CA LYS A 128 5.55 -9.50 -11.31
C LYS A 128 7.08 -9.39 -11.17
N PHE A 129 7.78 -9.12 -12.28
CA PHE A 129 9.24 -8.93 -12.22
C PHE A 129 9.64 -7.71 -11.38
N PHE A 130 9.06 -6.56 -11.69
CA PHE A 130 9.37 -5.35 -10.90
C PHE A 130 8.99 -5.43 -9.41
N SER A 131 7.87 -6.10 -9.13
CA SER A 131 7.47 -6.36 -7.77
CA SER A 131 7.46 -6.37 -7.75
C SER A 131 8.50 -7.24 -7.05
N ALA A 132 9.03 -8.26 -7.74
CA ALA A 132 10.01 -9.14 -7.14
C ALA A 132 11.34 -8.42 -7.00
N VAL A 133 11.65 -7.52 -7.92
CA VAL A 133 12.83 -6.65 -7.79
C VAL A 133 12.71 -5.75 -6.56
N ALA A 134 11.54 -5.15 -6.37
CA ALA A 134 11.26 -4.29 -5.23
C ALA A 134 11.35 -5.08 -3.91
N ARG A 135 10.77 -6.27 -3.88
CA ARG A 135 10.87 -7.08 -2.68
C ARG A 135 12.32 -7.48 -2.36
N ALA A 136 13.12 -7.80 -3.38
CA ALA A 136 14.54 -8.16 -3.19
C ALA A 136 15.33 -6.95 -2.69
N LEU A 137 15.03 -5.78 -3.24
CA LEU A 137 15.65 -4.54 -2.80
C LEU A 137 15.25 -4.16 -1.36
N ALA A 138 14.10 -4.65 -0.93
CA ALA A 138 13.56 -4.42 0.40
C ALA A 138 14.15 -5.33 1.47
N GLU A 139 14.88 -6.35 1.06
CA GLU A 139 15.42 -7.37 1.96
C GLU A 139 16.14 -6.86 3.19
N LYS A 140 17.03 -5.89 2.99
CA LYS A 140 17.91 -5.43 4.07
C LYS A 140 17.33 -4.27 4.90
N TYR A 141 16.01 -4.05 4.84
CA TYR A 141 15.38 -3.00 5.67
C TYR A 141 15.43 -3.40 7.14
N ARG A 142 15.03 -4.65 7.41
CA ARG A 142 14.76 -5.12 8.79
C ARG A 142 14.88 -6.64 8.88
N VAL B 1 -6.78 22.42 -5.42
CA VAL B 1 -5.93 22.07 -6.61
C VAL B 1 -6.01 23.18 -7.64
N VAL B 2 -4.86 23.74 -8.01
CA VAL B 2 -4.82 24.81 -8.99
C VAL B 2 -4.25 24.29 -10.32
N TRP B 3 -5.11 24.21 -11.31
CA TRP B 3 -4.70 23.70 -12.61
C TRP B 3 -3.94 24.78 -13.36
N THR B 4 -2.80 24.43 -13.95
CA THR B 4 -2.13 25.33 -14.89
C THR B 4 -2.83 25.20 -16.22
N ASP B 5 -2.60 26.16 -17.11
CA ASP B 5 -3.22 26.15 -18.43
C ASP B 5 -2.77 24.93 -19.19
N PHE B 6 -1.49 24.60 -19.09
CA PHE B 6 -0.96 23.37 -19.67
C PHE B 6 -1.67 22.13 -19.17
N GLU B 7 -1.94 22.07 -17.86
CA GLU B 7 -2.54 20.85 -17.29
C GLU B 7 -3.92 20.64 -17.85
N ARG B 8 -4.71 21.73 -17.83
CA ARG B 8 -6.08 21.77 -18.40
C ARG B 8 -6.13 21.39 -19.88
N ALA B 9 -5.28 22.01 -20.68
CA ALA B 9 -5.19 21.72 -22.12
C ALA B 9 -4.78 20.28 -22.38
N THR B 10 -3.82 19.79 -21.60
CA THR B 10 -3.33 18.40 -21.74
C THR B 10 -4.40 17.36 -21.41
N ILE B 11 -5.03 17.48 -20.25
CA ILE B 11 -6.10 16.56 -19.90
C ILE B 11 -7.18 16.55 -20.96
N ALA B 12 -7.63 17.74 -21.37
CA ALA B 12 -8.59 17.82 -22.47
C ALA B 12 -8.11 17.11 -23.75
N ASP B 13 -6.89 17.36 -24.20
CA ASP B 13 -6.46 16.69 -25.45
C ASP B 13 -6.11 15.21 -25.35
N ILE B 14 -5.71 14.74 -24.17
CA ILE B 14 -5.57 13.30 -23.95
C ILE B 14 -6.93 12.65 -24.24
N PHE B 15 -7.97 13.13 -23.54
CA PHE B 15 -9.29 12.55 -23.62
C PHE B 15 -9.97 12.68 -24.97
N SER B 16 -9.59 13.70 -25.74
CA SER B 16 -10.09 13.87 -27.09
C SER B 16 -9.44 12.86 -28.05
N LYS B 17 -8.34 12.25 -27.62
CA LYS B 17 -7.67 11.25 -28.44
C LYS B 17 -8.16 9.82 -28.13
N LEU B 18 -8.83 9.64 -26.99
CA LEU B 18 -9.26 8.32 -26.56
C LEU B 18 -10.65 7.90 -27.05
N ASP B 19 -10.75 6.68 -27.58
CA ASP B 19 -12.05 6.04 -27.84
C ASP B 19 -12.44 5.37 -26.55
N TYR B 20 -13.51 5.89 -25.94
CA TYR B 20 -13.87 5.53 -24.58
C TYR B 20 -14.17 4.06 -24.43
N GLU B 21 -14.75 3.46 -25.46
CA GLU B 21 -15.03 2.04 -25.45
C GLU B 21 -13.75 1.23 -25.55
N ALA B 22 -12.92 1.58 -26.54
CA ALA B 22 -11.67 0.85 -26.76
C ALA B 22 -10.72 0.96 -25.56
N VAL B 23 -10.44 2.18 -25.12
CA VAL B 23 -9.55 2.45 -24.01
C VAL B 23 -10.11 1.98 -22.68
N GLY B 24 -11.40 2.22 -22.48
CA GLY B 24 -12.06 1.77 -21.25
C GLY B 24 -12.12 0.26 -21.12
N GLY B 25 -12.47 -0.41 -22.19
CA GLY B 25 -12.48 -1.88 -22.19
C GLY B 25 -11.09 -2.44 -21.93
N ALA B 26 -10.08 -1.83 -22.54
CA ALA B 26 -8.71 -2.36 -22.47
C ALA B 26 -8.13 -2.13 -21.08
N THR B 27 -8.43 -0.96 -20.50
CA THR B 27 -7.97 -0.60 -19.16
C THR B 27 -8.49 -1.55 -18.09
N LEU B 28 -9.80 -1.84 -18.14
CA LEU B 28 -10.45 -2.69 -17.14
C LEU B 28 -10.03 -4.16 -17.28
N ALA B 29 -10.05 -4.67 -18.51
CA ALA B 29 -9.47 -5.99 -18.82
C ALA B 29 -8.02 -6.09 -18.29
N ARG B 30 -7.22 -5.06 -18.55
CA ARG B 30 -5.84 -5.00 -18.07
C ARG B 30 -5.77 -5.08 -16.56
N CYS B 31 -6.65 -4.36 -15.88
CA CYS B 31 -6.66 -4.38 -14.42
C CYS B 31 -7.05 -5.76 -13.86
N LEU B 32 -8.01 -6.42 -14.49
CA LEU B 32 -8.49 -7.69 -13.98
C LEU B 32 -7.49 -8.80 -14.25
N ILE B 33 -6.67 -8.59 -15.28
CA ILE B 33 -5.60 -9.48 -15.61
C ILE B 33 -4.32 -9.24 -14.80
N VAL B 34 -3.80 -8.00 -14.76
CA VAL B 34 -2.54 -7.74 -14.04
C VAL B 34 -2.73 -7.86 -12.50
N TYR B 35 -3.91 -7.47 -12.00
CA TYR B 35 -4.21 -7.53 -10.56
C TYR B 35 -5.53 -8.28 -10.28
N PRO B 36 -5.52 -9.62 -10.44
CA PRO B 36 -6.70 -10.49 -10.55
C PRO B 36 -7.68 -10.51 -9.38
N TRP B 37 -7.26 -10.03 -8.21
CA TRP B 37 -8.17 -9.95 -7.08
C TRP B 37 -9.28 -8.91 -7.33
N THR B 38 -8.96 -7.87 -8.11
CA THR B 38 -9.97 -6.86 -8.49
C THR B 38 -11.24 -7.48 -9.11
N GLN B 39 -11.08 -8.65 -9.74
CA GLN B 39 -12.23 -9.43 -10.25
C GLN B 39 -13.35 -9.64 -9.24
N ARG B 40 -13.00 -9.83 -7.96
CA ARG B 40 -14.00 -10.17 -6.94
C ARG B 40 -15.08 -9.07 -6.80
N TYR B 41 -14.71 -7.85 -7.18
CA TYR B 41 -15.59 -6.68 -7.08
C TYR B 41 -16.65 -6.69 -8.18
N PHE B 42 -16.38 -7.41 -9.27
CA PHE B 42 -17.30 -7.57 -10.41
C PHE B 42 -17.79 -9.03 -10.55
N GLY B 43 -18.00 -9.70 -9.41
CA GLY B 43 -18.34 -11.12 -9.40
C GLY B 43 -19.49 -11.52 -10.33
N ASN B 44 -20.40 -10.56 -10.59
CA ASN B 44 -21.56 -10.82 -11.45
C ASN B 44 -21.28 -10.35 -12.90
N PHE B 45 -20.10 -10.68 -13.42
CA PHE B 45 -19.69 -10.16 -14.74
C PHE B 45 -19.38 -11.23 -15.78
N GLY B 46 -19.52 -12.50 -15.39
CA GLY B 46 -19.36 -13.62 -16.32
C GLY B 46 -18.06 -14.37 -16.17
N ASN B 47 -17.55 -14.90 -17.28
CA ASN B 47 -16.34 -15.69 -17.25
C ASN B 47 -15.09 -14.82 -17.07
N LEU B 48 -14.56 -14.83 -15.85
CA LEU B 48 -13.34 -14.09 -15.52
C LEU B 48 -12.23 -15.04 -15.04
N TYR B 49 -12.35 -16.31 -15.42
CA TYR B 49 -11.50 -17.38 -14.90
C TYR B 49 -10.17 -17.48 -15.66
N ASN B 50 -10.10 -16.78 -16.80
CA ASN B 50 -8.94 -16.80 -17.68
C ASN B 50 -8.74 -15.44 -18.34
N ALA B 51 -7.49 -15.11 -18.70
CA ALA B 51 -7.22 -13.87 -19.43
C ALA B 51 -7.96 -13.78 -20.77
N ALA B 52 -8.15 -14.91 -21.46
CA ALA B 52 -8.85 -14.93 -22.75
C ALA B 52 -10.35 -14.76 -22.59
N ALA B 53 -10.88 -15.25 -21.46
CA ALA B 53 -12.25 -15.01 -21.03
C ALA B 53 -12.56 -13.54 -20.69
N ILE B 54 -11.65 -12.92 -19.95
CA ILE B 54 -11.75 -11.49 -19.58
C ILE B 54 -11.69 -10.59 -20.84
N MET B 55 -10.66 -10.80 -21.66
CA MET B 55 -10.50 -10.14 -22.97
C MET B 55 -11.76 -10.09 -23.84
N GLY B 56 -12.49 -11.21 -23.90
CA GLY B 56 -13.67 -11.36 -24.75
C GLY B 56 -15.03 -11.18 -24.06
N ASN B 57 -15.01 -10.83 -22.78
CA ASN B 57 -16.23 -10.56 -22.01
C ASN B 57 -16.80 -9.17 -22.34
N PRO B 58 -18.07 -9.11 -22.80
CA PRO B 58 -18.74 -7.86 -23.19
C PRO B 58 -19.25 -7.02 -22.02
N MET B 59 -19.40 -7.66 -20.86
CA MET B 59 -19.73 -6.96 -19.63
C MET B 59 -18.58 -6.03 -19.22
N ILE B 60 -17.36 -6.54 -19.32
CA ILE B 60 -16.15 -5.78 -19.07
C ILE B 60 -15.99 -4.63 -20.04
N ALA B 61 -16.35 -4.88 -21.30
CA ALA B 61 -16.29 -3.87 -22.35
C ALA B 61 -17.27 -2.75 -22.01
N LYS B 62 -18.52 -3.13 -21.77
CA LYS B 62 -19.56 -2.20 -21.30
C LYS B 62 -19.11 -1.41 -20.07
N HIS B 63 -18.60 -2.09 -19.04
CA HIS B 63 -18.26 -1.36 -17.82
C HIS B 63 -17.00 -0.52 -18.01
N GLY B 64 -16.04 -1.03 -18.79
CA GLY B 64 -14.87 -0.25 -19.14
C GLY B 64 -15.26 1.10 -19.73
N THR B 65 -16.26 1.10 -20.61
CA THR B 65 -16.70 2.32 -21.26
C THR B 65 -17.28 3.30 -20.23
N THR B 66 -18.03 2.74 -19.28
CA THR B 66 -18.68 3.49 -18.20
C THR B 66 -17.65 4.17 -17.33
N ILE B 67 -16.50 3.50 -17.12
CA ILE B 67 -15.40 4.09 -16.34
C ILE B 67 -14.89 5.34 -17.04
N LEU B 68 -14.68 5.24 -18.35
CA LEU B 68 -14.16 6.38 -19.13
C LEU B 68 -15.13 7.57 -19.18
N HIS B 69 -16.43 7.28 -19.31
CA HIS B 69 -17.46 8.32 -19.19
C HIS B 69 -17.52 8.95 -17.78
N GLY B 70 -17.30 8.16 -16.75
CA GLY B 70 -17.17 8.70 -15.38
C GLY B 70 -15.96 9.63 -15.25
N LEU B 71 -14.86 9.26 -15.90
CA LEU B 71 -13.65 10.10 -15.96
C LEU B 71 -13.94 11.40 -16.67
N ASP B 72 -14.70 11.31 -17.78
CA ASP B 72 -15.14 12.46 -18.58
C ASP B 72 -15.87 13.50 -17.73
N ARG B 73 -16.68 13.06 -16.78
CA ARG B 73 -17.36 13.98 -15.85
C ARG B 73 -16.37 14.88 -15.07
N ALA B 74 -15.24 14.31 -14.64
CA ALA B 74 -14.12 15.08 -14.09
C ALA B 74 -13.39 15.99 -15.11
N VAL B 75 -13.30 15.53 -16.36
CA VAL B 75 -12.63 16.32 -17.44
C VAL B 75 -13.44 17.59 -17.73
N LYS B 76 -14.76 17.44 -17.78
CA LYS B 76 -15.69 18.54 -18.02
C LYS B 76 -15.89 19.44 -16.80
N ASN B 77 -15.46 18.98 -15.63
CA ASN B 77 -15.64 19.74 -14.38
C ASN B 77 -14.39 19.79 -13.50
N MET B 78 -13.26 20.14 -14.11
CA MET B 78 -11.95 19.99 -13.46
C MET B 78 -11.76 20.71 -12.10
N ASP B 79 -12.58 21.73 -11.85
CA ASP B 79 -12.55 22.49 -10.60
C ASP B 79 -13.60 22.03 -9.59
N ASN B 80 -14.34 20.97 -9.91
CA ASN B 80 -15.39 20.50 -9.02
C ASN B 80 -15.50 18.98 -9.04
N ILE B 81 -14.35 18.34 -8.98
CA ILE B 81 -14.25 16.90 -9.06
C ILE B 81 -14.82 16.25 -7.80
N LYS B 82 -14.51 16.77 -6.63
CA LYS B 82 -15.01 16.16 -5.38
C LYS B 82 -16.54 16.06 -5.37
N ALA B 83 -17.24 17.18 -5.60
CA ALA B 83 -18.70 17.21 -5.60
C ALA B 83 -19.28 16.35 -6.72
N THR B 84 -18.68 16.43 -7.91
CA THR B 84 -19.14 15.61 -9.04
C THR B 84 -19.10 14.10 -8.73
N TYR B 85 -18.12 13.72 -7.93
CA TYR B 85 -17.91 12.31 -7.58
C TYR B 85 -18.50 11.87 -6.24
N ALA B 86 -19.24 12.74 -5.57
CA ALA B 86 -19.84 12.42 -4.28
C ALA B 86 -20.60 11.09 -4.28
N GLU B 87 -21.53 10.90 -5.22
CA GLU B 87 -22.31 9.65 -5.26
C GLU B 87 -21.43 8.44 -5.64
N LEU B 88 -20.43 8.68 -6.49
CA LEU B 88 -19.47 7.64 -6.90
C LEU B 88 -18.62 7.17 -5.76
N SER B 89 -18.15 8.12 -4.95
CA SER B 89 -17.48 7.79 -3.70
C SER B 89 -18.34 6.91 -2.76
N VAL B 90 -19.58 7.30 -2.53
CA VAL B 90 -20.51 6.50 -1.73
C VAL B 90 -20.63 5.08 -2.29
N LEU B 91 -20.92 4.97 -3.58
CA LEU B 91 -20.93 3.67 -4.24
C LEU B 91 -19.66 2.81 -4.02
N HIS B 92 -18.47 3.35 -4.31
CA HIS B 92 -17.23 2.54 -4.31
C HIS B 92 -16.76 2.23 -2.91
N SER B 93 -17.01 3.14 -1.98
CA SER B 93 -16.58 2.99 -0.59
C SER B 93 -17.71 2.46 0.29
N GLU B 94 -18.68 3.30 0.62
CA GLU B 94 -19.77 2.89 1.50
C GLU B 94 -20.53 1.61 1.04
N LYS B 95 -20.93 1.54 -0.23
CA LYS B 95 -21.69 0.38 -0.70
C LYS B 95 -20.84 -0.85 -1.08
N LEU B 96 -19.87 -0.67 -1.96
CA LEU B 96 -19.09 -1.80 -2.50
C LEU B 96 -17.77 -2.12 -1.75
N HIS B 97 -17.44 -1.35 -0.72
CA HIS B 97 -16.16 -1.49 0.01
C HIS B 97 -14.95 -1.89 -0.88
N VAL B 98 -14.65 -1.02 -1.85
CA VAL B 98 -13.46 -1.22 -2.69
C VAL B 98 -12.26 -0.63 -1.97
N ASP B 99 -11.29 -1.48 -1.65
CA ASP B 99 -10.06 -1.02 -1.05
C ASP B 99 -9.45 0.02 -1.97
N PRO B 100 -9.15 1.23 -1.43
CA PRO B 100 -8.61 2.39 -2.20
C PRO B 100 -7.30 2.17 -2.99
N ASP B 101 -6.49 1.20 -2.58
CA ASP B 101 -5.32 0.84 -3.38
C ASP B 101 -5.64 0.47 -4.82
N ASN B 102 -6.81 -0.10 -5.04
CA ASN B 102 -7.27 -0.51 -6.35
C ASN B 102 -7.59 0.60 -7.33
N PHE B 103 -8.03 1.75 -6.80
CA PHE B 103 -8.19 2.95 -7.62
C PHE B 103 -6.86 3.35 -8.31
N LYS B 104 -5.76 3.24 -7.58
CA LYS B 104 -4.41 3.51 -8.09
C LYS B 104 -3.91 2.43 -9.03
N LEU B 105 -4.24 1.17 -8.77
CA LEU B 105 -3.89 0.10 -9.67
C LEU B 105 -4.57 0.28 -11.01
N LEU B 106 -5.85 0.62 -10.99
CA LEU B 106 -6.63 0.87 -12.21
C LEU B 106 -6.08 2.10 -12.93
N SER B 107 -5.82 3.16 -12.17
CA SER B 107 -5.22 4.40 -12.71
C SER B 107 -3.91 4.08 -13.46
N ASP B 108 -3.08 3.22 -12.85
CA ASP B 108 -1.80 2.79 -13.44
C ASP B 108 -1.99 1.99 -14.71
N CYS B 109 -3.04 1.19 -14.77
CA CYS B 109 -3.36 0.45 -16.01
C CYS B 109 -3.79 1.42 -17.09
N LEU B 110 -4.66 2.36 -16.76
CA LEU B 110 -5.09 3.37 -17.70
C LEU B 110 -3.87 4.11 -18.22
N THR B 111 -2.98 4.51 -17.30
CA THR B 111 -1.75 5.20 -17.72
C THR B 111 -0.96 4.41 -18.78
N ILE B 112 -0.77 3.13 -18.51
CA ILE B 112 0.04 2.31 -19.38
C ILE B 112 -0.66 2.09 -20.73
N VAL B 113 -1.99 2.02 -20.71
CA VAL B 113 -2.79 1.92 -21.95
C VAL B 113 -2.74 3.22 -22.76
N VAL B 114 -2.81 4.36 -22.05
CA VAL B 114 -2.68 5.66 -22.72
C VAL B 114 -1.29 5.85 -23.31
N ALA B 115 -0.25 5.46 -22.54
CA ALA B 115 1.15 5.58 -22.99
C ALA B 115 1.39 4.81 -24.28
N ALA B 116 0.83 3.61 -24.35
CA ALA B 116 0.99 2.71 -25.50
C ALA B 116 0.29 3.30 -26.74
N GLN B 117 -0.92 3.82 -26.57
CA GLN B 117 -1.63 4.48 -27.68
C GLN B 117 -0.94 5.75 -28.13
N LEU B 118 -0.62 6.63 -27.18
CA LEU B 118 -0.07 7.95 -27.53
C LEU B 118 1.42 7.98 -27.91
N GLY B 119 2.22 7.05 -27.40
CA GLY B 119 3.61 6.97 -27.84
C GLY B 119 4.39 8.17 -27.36
N LYS B 120 5.29 8.66 -28.19
CA LYS B 120 6.11 9.86 -27.88
C LYS B 120 5.36 11.09 -27.40
N ALA B 121 4.11 11.23 -27.83
CA ALA B 121 3.27 12.34 -27.40
C ALA B 121 3.04 12.28 -25.88
N PHE B 122 3.16 11.08 -25.30
CA PHE B 122 2.96 10.90 -23.85
C PHE B 122 4.26 11.13 -23.10
N SER B 123 4.72 12.38 -23.11
CA SER B 123 5.98 12.79 -22.51
C SER B 123 5.89 12.81 -20.98
N GLY B 124 7.00 13.09 -20.32
CA GLY B 124 7.03 13.17 -18.86
C GLY B 124 6.11 14.26 -18.33
N GLU B 125 6.18 15.42 -18.98
CA GLU B 125 5.30 16.57 -18.72
C GLU B 125 3.82 16.23 -18.88
N VAL B 126 3.49 15.55 -19.98
CA VAL B 126 2.13 15.09 -20.27
C VAL B 126 1.66 14.08 -19.20
N GLN B 127 2.52 13.10 -18.87
CA GLN B 127 2.29 12.13 -17.79
C GLN B 127 2.16 12.80 -16.40
N ALA B 128 2.96 13.84 -16.15
CA ALA B 128 2.81 14.70 -14.95
C ALA B 128 1.37 15.21 -14.72
N ALA B 129 0.83 15.88 -15.74
CA ALA B 129 -0.55 16.41 -15.72
C ALA B 129 -1.59 15.28 -15.58
N PHE B 130 -1.39 14.19 -16.32
CA PHE B 130 -2.30 13.05 -16.28
C PHE B 130 -2.39 12.44 -14.88
N GLN B 131 -1.24 12.20 -14.27
CA GLN B 131 -1.16 11.70 -12.90
C GLN B 131 -1.77 12.66 -11.88
N LYS B 132 -1.57 13.96 -12.05
CA LYS B 132 -2.19 14.94 -11.15
C LYS B 132 -3.73 14.82 -11.22
N PHE B 133 -4.23 14.76 -12.44
CA PHE B 133 -5.64 14.53 -12.67
C PHE B 133 -6.09 13.23 -11.98
N LEU B 134 -5.47 12.10 -12.31
CA LEU B 134 -5.78 10.83 -11.66
C LEU B 134 -5.69 10.86 -10.13
N SER B 135 -4.69 11.56 -9.59
CA SER B 135 -4.56 11.67 -8.14
C SER B 135 -5.83 12.31 -7.55
N VAL B 136 -6.32 13.35 -8.25
CA VAL B 136 -7.47 14.10 -7.79
C VAL B 136 -8.73 13.23 -7.91
N VAL B 137 -8.87 12.53 -9.03
CA VAL B 137 -10.02 11.63 -9.23
C VAL B 137 -10.02 10.58 -8.13
N VAL B 138 -8.88 9.97 -7.87
CA VAL B 138 -8.73 8.85 -6.94
C VAL B 138 -9.07 9.28 -5.49
N SER B 139 -8.62 10.47 -5.14
CA SER B 139 -8.90 11.07 -3.84
C SER B 139 -10.41 11.26 -3.67
N ALA B 140 -11.05 11.72 -4.75
CA ALA B 140 -12.50 11.97 -4.81
C ALA B 140 -13.35 10.69 -4.73
N LEU B 141 -12.83 9.60 -5.28
CA LEU B 141 -13.50 8.30 -5.27
C LEU B 141 -13.39 7.61 -3.93
N GLY B 142 -12.28 7.84 -3.23
CA GLY B 142 -12.06 7.29 -1.89
C GLY B 142 -13.11 7.77 -0.90
N LYS B 143 -13.09 7.15 0.27
CA LYS B 143 -14.00 7.53 1.35
C LYS B 143 -13.75 8.98 1.74
N GLN B 144 -14.84 9.75 1.82
CA GLN B 144 -14.78 11.12 2.22
C GLN B 144 -14.97 11.23 3.72
N TYR B 145 -13.96 11.79 4.37
CA TYR B 145 -13.98 11.92 5.79
C TYR B 145 -14.26 13.35 6.21
N HIS B 146 -14.39 14.26 5.25
CA HIS B 146 -14.36 15.70 5.60
C HIS B 146 -15.48 16.54 5.00
N SER C 1 12.66 -11.42 4.86
CA SER C 1 13.09 -12.79 5.27
C SER C 1 13.27 -12.85 6.78
N LEU C 2 12.73 -13.91 7.36
CA LEU C 2 12.79 -14.13 8.78
C LEU C 2 14.16 -14.64 9.22
N SER C 3 14.75 -13.97 10.21
CA SER C 3 16.04 -14.36 10.76
C SER C 3 15.78 -15.46 11.77
N SER C 4 16.86 -16.09 12.26
CA SER C 4 16.77 -17.11 13.30
C SER C 4 16.17 -16.50 14.57
N LYS C 5 16.55 -15.26 14.86
CA LYS C 5 16.02 -14.49 15.99
C LYS C 5 14.50 -14.32 15.92
N ASP C 6 14.02 -13.96 14.72
CA ASP C 6 12.60 -13.74 14.45
C ASP C 6 11.82 -15.04 14.65
N LYS C 7 12.36 -16.14 14.11
CA LYS C 7 11.73 -17.46 14.25
C LYS C 7 11.65 -17.94 15.72
N ASP C 8 12.73 -17.74 16.48
CA ASP C 8 12.73 -18.03 17.94
C ASP C 8 11.64 -17.23 18.64
N ALA C 9 11.57 -15.94 18.37
CA ALA C 9 10.58 -15.08 19.01
C ALA C 9 9.13 -15.46 18.62
N VAL C 10 8.94 -15.91 17.39
CA VAL C 10 7.59 -16.26 16.96
C VAL C 10 7.13 -17.54 17.66
N LYS C 11 7.95 -18.58 17.57
CA LYS C 11 7.71 -19.85 18.26
C LYS C 11 7.47 -19.64 19.75
N ALA C 12 8.24 -18.74 20.37
CA ALA C 12 8.10 -18.43 21.81
C ALA C 12 6.70 -17.92 22.13
N LEU C 13 6.29 -16.85 21.45
CA LEU C 13 4.93 -16.33 21.56
C LEU C 13 3.89 -17.42 21.34
N TRP C 14 4.11 -18.27 20.34
CA TRP C 14 3.12 -19.28 19.99
C TRP C 14 2.93 -20.30 21.11
N GLY C 15 4.00 -20.53 21.88
CA GLY C 15 3.95 -21.38 23.07
C GLY C 15 3.20 -20.69 24.21
N LYS C 16 3.42 -19.39 24.37
CA LYS C 16 2.74 -18.60 25.42
C LYS C 16 1.21 -18.58 25.26
N ILE C 17 0.75 -18.63 24.01
CA ILE C 17 -0.66 -18.38 23.74
C ILE C 17 -1.54 -19.62 23.53
N ALA C 18 -0.96 -20.81 23.48
CA ALA C 18 -1.72 -22.05 23.22
C ALA C 18 -3.10 -22.13 23.90
N ASP C 19 -3.15 -21.99 25.23
CA ASP C 19 -4.42 -22.06 25.98
C ASP C 19 -5.48 -21.11 25.44
N LYS C 20 -5.05 -19.95 24.97
CA LYS C 20 -5.97 -18.92 24.51
C LYS C 20 -6.08 -18.83 22.98
N ALA C 21 -5.28 -19.64 22.26
CA ALA C 21 -5.11 -19.46 20.78
C ALA C 21 -6.43 -19.43 20.02
N GLU C 22 -7.29 -20.37 20.36
CA GLU C 22 -8.66 -20.44 19.84
CA GLU C 22 -8.65 -20.44 19.84
C GLU C 22 -9.42 -19.15 20.11
N GLU C 23 -9.32 -18.67 21.34
CA GLU C 23 -10.01 -17.46 21.75
C GLU C 23 -9.38 -16.19 21.15
N ILE C 24 -8.06 -16.19 21.00
CA ILE C 24 -7.35 -15.05 20.40
C ILE C 24 -7.89 -14.87 18.99
N GLY C 25 -7.99 -15.97 18.25
CA GLY C 25 -8.46 -15.93 16.86
C GLY C 25 -9.89 -15.46 16.72
N ALA C 26 -10.77 -15.99 17.57
CA ALA C 26 -12.17 -15.59 17.59
C ALA C 26 -12.35 -14.08 17.81
N ASP C 27 -11.63 -13.52 18.79
CA ASP C 27 -11.76 -12.08 19.10
C ASP C 27 -11.10 -11.20 18.04
N ALA C 28 -9.91 -11.58 17.58
CA ALA C 28 -9.23 -10.86 16.49
C ALA C 28 -10.15 -10.70 15.29
N LEU C 29 -10.87 -11.77 14.98
CA LEU C 29 -11.84 -11.78 13.89
C LEU C 29 -12.99 -10.80 14.15
N GLY C 30 -13.53 -10.82 15.38
CA GLY C 30 -14.55 -9.87 15.83
C GLY C 30 -14.04 -8.44 15.71
N ARG C 31 -12.75 -8.22 15.95
CA ARG C 31 -12.14 -6.90 15.78
C ARG C 31 -12.14 -6.51 14.30
N MET C 32 -11.76 -7.45 13.46
CA MET C 32 -11.66 -7.16 12.04
C MET C 32 -13.03 -6.79 11.47
N LEU C 33 -14.06 -7.56 11.82
CA LEU C 33 -15.41 -7.35 11.32
C LEU C 33 -15.99 -6.01 11.79
N ALA C 34 -15.79 -5.66 13.07
CA ALA C 34 -16.29 -4.39 13.62
C ALA C 34 -15.51 -3.15 13.12
N VAL C 35 -14.18 -3.24 13.12
CA VAL C 35 -13.27 -2.09 12.92
C VAL C 35 -13.01 -1.80 11.43
N TYR C 36 -13.10 -2.86 10.64
CA TYR C 36 -12.84 -2.78 9.23
C TYR C 36 -14.00 -3.47 8.50
N PRO C 37 -15.17 -2.80 8.42
CA PRO C 37 -16.37 -3.53 7.92
C PRO C 37 -16.34 -3.78 6.41
N GLN C 38 -15.26 -3.36 5.75
CA GLN C 38 -15.00 -3.73 4.36
CA GLN C 38 -15.00 -3.74 4.36
C GLN C 38 -14.72 -5.24 4.22
N THR C 39 -14.34 -5.90 5.33
CA THR C 39 -14.06 -7.35 5.34
C THR C 39 -15.27 -8.24 5.53
N LYS C 40 -16.37 -7.66 6.01
CA LYS C 40 -17.61 -8.41 6.30
C LYS C 40 -18.09 -9.23 5.11
N THR C 41 -17.86 -8.67 3.92
CA THR C 41 -18.30 -9.24 2.66
C THR C 41 -17.76 -10.66 2.43
N TYR C 42 -16.55 -10.92 2.91
CA TYR C 42 -15.94 -12.23 2.75
C TYR C 42 -16.62 -13.34 3.57
N PHE C 43 -17.39 -12.95 4.58
CA PHE C 43 -17.91 -13.91 5.56
C PHE C 43 -19.42 -13.80 5.76
N SER C 44 -20.09 -13.05 4.90
CA SER C 44 -21.51 -12.78 5.05
C SER C 44 -22.41 -14.03 4.84
N HIS C 45 -21.81 -15.08 4.29
CA HIS C 45 -22.50 -16.35 4.02
C HIS C 45 -22.68 -17.20 5.29
N TRP C 46 -21.88 -16.91 6.32
CA TRP C 46 -22.18 -17.42 7.65
C TRP C 46 -23.53 -16.89 8.11
N LYS C 47 -23.93 -17.37 9.27
CA LYS C 47 -25.23 -17.14 9.86
C LYS C 47 -25.20 -15.92 10.78
N ASP C 48 -24.02 -15.60 11.29
CA ASP C 48 -23.82 -14.52 12.27
C ASP C 48 -22.35 -14.06 12.33
N LEU C 49 -22.14 -12.74 12.32
CA LEU C 49 -20.80 -12.12 12.34
C LEU C 49 -20.44 -11.50 13.70
N SER C 50 -21.33 -11.62 14.68
CA SER C 50 -21.09 -11.02 15.99
C SER C 50 -19.86 -11.61 16.69
N PRO C 51 -19.04 -10.74 17.31
CA PRO C 51 -17.82 -11.07 18.09
C PRO C 51 -17.75 -12.39 18.87
N GLY C 52 -18.89 -12.95 19.27
CA GLY C 52 -18.89 -14.17 20.08
C GLY C 52 -19.75 -15.31 19.55
N SER C 53 -20.21 -15.17 18.30
CA SER C 53 -21.10 -16.15 17.70
C SER C 53 -20.37 -17.44 17.38
N ALA C 54 -21.17 -18.50 17.22
CA ALA C 54 -20.65 -19.83 16.88
C ALA C 54 -19.80 -19.78 15.62
N PRO C 55 -20.30 -19.19 14.52
CA PRO C 55 -19.42 -19.12 13.32
C PRO C 55 -18.09 -18.34 13.52
N VAL C 56 -18.11 -17.27 14.29
CA VAL C 56 -16.87 -16.50 14.49
C VAL C 56 -15.88 -17.29 15.35
N ASN C 57 -16.40 -17.87 16.43
CA ASN C 57 -15.62 -18.79 17.25
C ASN C 57 -14.98 -19.90 16.41
N LYS C 58 -15.77 -20.59 15.59
CA LYS C 58 -15.26 -21.72 14.77
C LYS C 58 -14.20 -21.26 13.79
N HIS C 59 -14.45 -20.15 13.11
CA HIS C 59 -13.50 -19.70 12.11
C HIS C 59 -12.21 -19.19 12.76
N GLY C 60 -12.32 -18.62 13.94
CA GLY C 60 -11.15 -18.11 14.67
C GLY C 60 -10.16 -19.22 15.02
N LYS C 61 -10.68 -20.40 15.37
CA LYS C 61 -9.86 -21.61 15.57
C LYS C 61 -9.15 -21.95 14.27
N THR C 62 -9.91 -22.00 13.18
CA THR C 62 -9.39 -22.32 11.87
C THR C 62 -8.25 -21.37 11.45
N ILE C 63 -8.41 -20.07 11.67
CA ILE C 63 -7.33 -19.12 11.35
C ILE C 63 -6.06 -19.42 12.14
N MET C 64 -6.22 -19.78 13.41
CA MET C 64 -5.09 -20.02 14.28
C MET C 64 -4.45 -21.36 13.94
N GLY C 65 -5.27 -22.28 13.43
CA GLY C 65 -4.76 -23.56 12.86
C GLY C 65 -3.82 -23.30 11.70
N GLY C 66 -4.23 -22.40 10.79
CA GLY C 66 -3.44 -22.03 9.62
C GLY C 66 -2.14 -21.33 9.99
N LEU C 67 -2.19 -20.55 11.06
CA LEU C 67 -1.01 -19.83 11.54
C LEU C 67 -0.06 -20.75 12.27
N VAL C 68 -0.61 -21.82 12.85
CA VAL C 68 0.15 -22.89 13.51
C VAL C 68 0.92 -23.67 12.46
N ASP C 69 0.28 -23.88 11.31
CA ASP C 69 0.90 -24.51 10.13
C ASP C 69 2.04 -23.60 9.64
N ALA C 70 1.81 -22.29 9.69
CA ALA C 70 2.80 -21.28 9.30
C ALA C 70 4.05 -21.42 10.16
N VAL C 71 3.85 -21.44 11.49
CA VAL C 71 4.90 -21.73 12.47
C VAL C 71 5.65 -23.05 12.22
N ALA C 72 4.91 -24.15 11.99
CA ALA C 72 5.51 -25.40 11.51
C ALA C 72 6.38 -25.22 10.24
N SER C 73 5.88 -24.41 9.29
CA SER C 73 6.54 -24.20 7.99
C SER C 73 7.33 -22.89 7.90
N ILE C 74 7.65 -22.31 9.05
CA ILE C 74 8.34 -21.01 9.11
C ILE C 74 9.62 -20.90 8.25
N ASP C 75 10.32 -22.01 8.05
CA ASP C 75 11.56 -22.04 7.28
C ASP C 75 11.30 -21.83 5.78
N ASP C 76 10.12 -22.22 5.33
CA ASP C 76 9.70 -21.99 3.95
C ASP C 76 8.17 -21.76 3.89
N LEU C 77 7.76 -20.52 4.09
CA LEU C 77 6.35 -20.18 4.14
C LEU C 77 5.63 -20.30 2.78
N ASN C 78 6.32 -19.88 1.72
CA ASN C 78 5.79 -19.94 0.34
C ASN C 78 5.40 -21.39 0.00
N ALA C 79 6.32 -22.34 0.18
CA ALA C 79 6.03 -23.77 -0.07
C ALA C 79 5.00 -24.34 0.87
N GLY C 80 5.09 -23.96 2.15
CA GLY C 80 4.27 -24.55 3.18
C GLY C 80 2.80 -24.14 3.20
N LEU C 81 2.50 -22.91 2.75
CA LEU C 81 1.14 -22.40 2.80
C LEU C 81 0.43 -22.41 1.45
N LEU C 82 0.96 -23.18 0.50
CA LEU C 82 0.53 -23.07 -0.90
C LEU C 82 -0.96 -23.40 -1.11
N ALA C 83 -1.49 -24.35 -0.34
CA ALA C 83 -2.89 -24.74 -0.50
C ALA C 83 -3.80 -23.62 0.03
N LEU C 84 -3.41 -23.04 1.17
CA LEU C 84 -4.07 -21.84 1.66
C LEU C 84 -3.94 -20.64 0.68
N SER C 85 -2.77 -20.49 0.04
CA SER C 85 -2.62 -19.46 -1.00
C SER C 85 -3.57 -19.67 -2.18
N GLU C 86 -3.57 -20.89 -2.75
CA GLU C 86 -4.57 -21.24 -3.77
C GLU C 86 -5.99 -20.91 -3.35
N LEU C 87 -6.37 -21.29 -2.12
CA LEU C 87 -7.68 -20.91 -1.55
C LEU C 87 -7.90 -19.38 -1.47
N HIS C 88 -6.99 -18.66 -0.82
CA HIS C 88 -7.26 -17.21 -0.57
C HIS C 88 -7.02 -16.30 -1.77
N ALA C 89 -5.91 -16.54 -2.47
CA ALA C 89 -5.44 -15.67 -3.56
C ALA C 89 -6.09 -15.99 -4.91
N PHE C 90 -6.38 -17.25 -5.17
CA PHE C 90 -7.08 -17.63 -6.40
C PHE C 90 -8.60 -17.83 -6.24
N THR C 91 -8.99 -18.70 -5.33
CA THR C 91 -10.38 -19.16 -5.26
C THR C 91 -11.26 -18.03 -4.71
N LEU C 92 -10.86 -17.48 -3.57
CA LEU C 92 -11.65 -16.44 -2.88
C LEU C 92 -11.31 -15.02 -3.31
N ARG C 93 -10.17 -14.87 -4.01
CA ARG C 93 -9.70 -13.57 -4.53
C ARG C 93 -9.69 -12.46 -3.45
N VAL C 94 -9.10 -12.80 -2.29
CA VAL C 94 -9.05 -11.90 -1.18
C VAL C 94 -8.12 -10.76 -1.54
N ASP C 95 -8.61 -9.54 -1.34
CA ASP C 95 -7.83 -8.38 -1.63
C ASP C 95 -6.66 -8.35 -0.62
N PRO C 96 -5.40 -8.25 -1.12
CA PRO C 96 -4.22 -8.36 -0.26
C PRO C 96 -4.23 -7.34 0.87
N ALA C 97 -4.98 -6.24 0.70
CA ALA C 97 -5.10 -5.25 1.76
C ALA C 97 -5.71 -5.87 2.98
N ASN C 98 -6.55 -6.88 2.77
CA ASN C 98 -7.23 -7.51 3.88
C ASN C 98 -6.35 -8.35 4.79
N PHE C 99 -5.27 -8.93 4.26
CA PHE C 99 -4.34 -9.75 5.04
C PHE C 99 -3.64 -8.92 6.10
N LYS C 100 -3.20 -7.72 5.73
CA LYS C 100 -2.58 -6.86 6.73
C LYS C 100 -3.59 -6.36 7.76
N ILE C 101 -4.87 -6.30 7.38
CA ILE C 101 -5.93 -5.94 8.31
C ILE C 101 -6.07 -7.00 9.39
N LEU C 102 -6.19 -8.26 8.98
CA LEU C 102 -6.28 -9.35 9.92
C LEU C 102 -5.06 -9.45 10.81
N SER C 103 -3.87 -9.34 10.21
CA SER C 103 -2.62 -9.39 10.98
C SER C 103 -2.62 -8.35 12.09
N HIS C 104 -2.95 -7.12 11.74
CA HIS C 104 -3.05 -6.02 12.70
C HIS C 104 -4.03 -6.33 13.82
N CYS C 105 -5.21 -6.85 13.50
CA CYS C 105 -6.18 -7.18 14.54
C CYS C 105 -5.69 -8.28 15.48
N ILE C 106 -4.97 -9.25 14.91
CA ILE C 106 -4.33 -10.32 15.70
C ILE C 106 -3.29 -9.76 16.67
N LEU C 107 -2.42 -8.88 16.18
CA LEU C 107 -1.46 -8.16 17.05
C LEU C 107 -2.12 -7.31 18.13
N VAL C 108 -3.17 -6.56 17.77
CA VAL C 108 -3.95 -5.76 18.73
C VAL C 108 -4.50 -6.66 19.86
N GLN C 109 -5.22 -7.72 19.50
CA GLN C 109 -5.67 -8.73 20.50
C GLN C 109 -4.52 -9.32 21.32
N LEU C 110 -3.41 -9.69 20.67
CA LEU C 110 -2.27 -10.25 21.40
C LEU C 110 -1.68 -9.24 22.37
N ALA C 111 -1.73 -7.96 21.99
CA ALA C 111 -1.17 -6.90 22.82
C ALA C 111 -2.05 -6.63 24.04
N VAL C 112 -3.37 -6.69 23.85
CA VAL C 112 -4.34 -6.47 24.94
C VAL C 112 -4.29 -7.53 26.01
N LYS C 113 -3.88 -8.73 25.61
CA LYS C 113 -3.78 -9.87 26.53
C LYS C 113 -2.34 -10.13 26.96
N PHE C 114 -1.36 -9.78 26.11
CA PHE C 114 0.05 -10.07 26.42
C PHE C 114 0.98 -8.85 26.38
N PRO C 115 0.60 -7.74 27.04
CA PRO C 115 1.30 -6.46 26.85
C PRO C 115 2.82 -6.54 26.98
N LYS C 116 3.30 -7.35 27.91
CA LYS C 116 4.73 -7.47 28.21
C LYS C 116 5.53 -8.19 27.12
N ASP C 117 4.84 -8.98 26.28
CA ASP C 117 5.48 -9.67 25.17
C ASP C 117 5.83 -8.70 24.03
N PHE C 118 5.10 -7.59 23.98
CA PHE C 118 5.24 -6.60 22.91
C PHE C 118 6.28 -5.53 23.16
N THR C 119 7.55 -5.95 23.21
CA THR C 119 8.65 -4.99 23.20
C THR C 119 8.77 -4.56 21.74
N PRO C 120 9.41 -3.38 21.45
CA PRO C 120 9.61 -3.07 20.03
C PRO C 120 10.20 -4.22 19.22
N GLU C 121 11.22 -4.89 19.76
CA GLU C 121 12.02 -5.86 19.03
C GLU C 121 11.22 -7.11 18.70
N VAL C 122 10.48 -7.59 19.70
CA VAL C 122 9.52 -8.67 19.57
C VAL C 122 8.42 -8.41 18.55
N HIS C 123 7.85 -7.19 18.59
CA HIS C 123 6.81 -6.70 17.68
C HIS C 123 7.37 -6.68 16.25
N LEU C 124 8.63 -6.31 16.10
CA LEU C 124 9.26 -6.30 14.79
C LEU C 124 9.26 -7.72 14.18
N SER C 125 9.60 -8.71 15.00
CA SER C 125 9.63 -10.12 14.56
C SER C 125 8.23 -10.62 14.24
N TYR C 126 7.25 -10.22 15.07
CA TYR C 126 5.86 -10.63 14.86
C TYR C 126 5.35 -10.07 13.55
N ASP C 127 5.65 -8.79 13.31
CA ASP C 127 5.26 -8.12 12.06
C ASP C 127 5.90 -8.72 10.81
N LYS C 128 7.21 -8.96 10.87
CA LYS C 128 7.92 -9.70 9.82
C LYS C 128 7.26 -11.05 9.60
N PHE C 129 6.95 -11.77 10.67
CA PHE C 129 6.22 -13.03 10.55
C PHE C 129 4.88 -12.89 9.80
N PHE C 130 4.03 -11.94 10.22
CA PHE C 130 2.71 -11.77 9.59
C PHE C 130 2.80 -11.25 8.13
N SER C 131 3.77 -10.39 7.88
CA SER C 131 4.09 -9.94 6.53
CA SER C 131 4.10 -9.93 6.52
C SER C 131 4.47 -11.13 5.63
N ALA C 132 5.29 -12.05 6.15
CA ALA C 132 5.73 -13.21 5.38
C ALA C 132 4.61 -14.23 5.15
N VAL C 133 3.73 -14.37 6.13
CA VAL C 133 2.51 -15.16 5.96
C VAL C 133 1.66 -14.59 4.79
N ALA C 134 1.41 -13.28 4.80
CA ALA C 134 0.68 -12.59 3.71
C ALA C 134 1.36 -12.72 2.35
N ARG C 135 2.69 -12.58 2.31
CA ARG C 135 3.40 -12.81 1.01
C ARG C 135 3.24 -14.27 0.56
N ALA C 136 3.38 -15.21 1.50
CA ALA C 136 3.13 -16.63 1.22
C ALA C 136 1.73 -16.84 0.65
N LEU C 137 0.72 -16.26 1.29
CA LEU C 137 -0.70 -16.34 0.87
C LEU C 137 -1.01 -15.66 -0.47
N ALA C 138 -0.17 -14.71 -0.85
CA ALA C 138 -0.27 -14.00 -2.12
C ALA C 138 0.33 -14.74 -3.31
N GLU C 139 1.05 -15.85 -3.05
CA GLU C 139 1.76 -16.60 -4.13
C GLU C 139 0.91 -16.93 -5.33
N LYS C 140 -0.31 -17.40 -5.07
CA LYS C 140 -1.18 -17.89 -6.11
C LYS C 140 -2.11 -16.85 -6.74
N TYR C 141 -1.83 -15.57 -6.54
CA TYR C 141 -2.67 -14.52 -7.14
C TYR C 141 -2.59 -14.56 -8.66
N ARG C 142 -1.35 -14.59 -9.16
CA ARG C 142 -1.05 -14.29 -10.56
C ARG C 142 0.33 -14.80 -10.97
N VAL D 1 -17.36 14.05 8.32
CA VAL D 1 -17.54 12.88 9.22
C VAL D 1 -18.57 13.20 10.28
N VAL D 2 -19.30 12.18 10.72
CA VAL D 2 -20.34 12.35 11.72
C VAL D 2 -20.07 11.39 12.87
N TRP D 3 -19.94 11.96 14.07
CA TRP D 3 -19.62 11.21 15.27
C TRP D 3 -20.89 10.80 15.99
N THR D 4 -21.00 9.52 16.34
CA THR D 4 -22.01 9.12 17.33
C THR D 4 -21.46 9.56 18.70
N ASP D 5 -22.34 9.51 19.71
CA ASP D 5 -22.00 9.85 21.10
C ASP D 5 -20.93 8.90 21.68
N PHE D 6 -21.05 7.61 21.36
CA PHE D 6 -20.09 6.60 21.79
C PHE D 6 -18.71 6.89 21.21
N GLU D 7 -18.68 7.25 19.93
CA GLU D 7 -17.41 7.52 19.26
C GLU D 7 -16.78 8.72 19.94
N ARG D 8 -17.53 9.83 20.03
CA ARG D 8 -17.08 11.07 20.61
C ARG D 8 -16.51 10.90 22.03
N ALA D 9 -17.20 10.09 22.85
CA ALA D 9 -16.88 9.94 24.26
C ALA D 9 -15.81 8.89 24.51
N THR D 10 -15.80 7.86 23.67
CA THR D 10 -14.71 6.88 23.62
C THR D 10 -13.37 7.57 23.35
N ILE D 11 -13.33 8.40 22.31
CA ILE D 11 -12.14 9.15 21.91
C ILE D 11 -11.63 10.05 23.04
N ALA D 12 -12.53 10.81 23.65
CA ALA D 12 -12.14 11.66 24.78
C ALA D 12 -11.66 10.80 25.96
N ASP D 13 -12.38 9.72 26.25
CA ASP D 13 -11.97 8.80 27.30
C ASP D 13 -10.59 8.17 27.09
N ILE D 14 -10.29 7.71 25.87
CA ILE D 14 -8.99 7.07 25.59
C ILE D 14 -7.84 8.03 25.87
N PHE D 15 -7.96 9.25 25.37
CA PHE D 15 -6.90 10.23 25.52
C PHE D 15 -6.75 10.70 26.97
N SER D 16 -7.86 10.72 27.70
CA SER D 16 -7.88 11.12 29.12
C SER D 16 -7.09 10.12 29.96
N LYS D 17 -6.89 8.94 29.39
CA LYS D 17 -6.25 7.82 30.05
C LYS D 17 -4.79 7.67 29.64
N LEU D 18 -4.34 8.51 28.70
CA LEU D 18 -3.00 8.39 28.15
C LEU D 18 -2.01 9.39 28.74
N ASP D 19 -0.82 8.88 29.05
CA ASP D 19 0.33 9.71 29.34
C ASP D 19 0.93 10.04 27.98
N TYR D 20 0.75 11.28 27.53
CA TYR D 20 1.17 11.70 26.19
C TYR D 20 2.65 11.52 25.93
N GLU D 21 3.48 11.83 26.92
CA GLU D 21 4.93 11.68 26.79
C GLU D 21 5.33 10.21 26.74
N ALA D 22 4.79 9.41 27.67
CA ALA D 22 5.04 7.99 27.66
C ALA D 22 4.54 7.31 26.39
N VAL D 23 3.30 7.60 25.99
CA VAL D 23 2.68 6.94 24.87
C VAL D 23 3.26 7.47 23.55
N GLY D 24 3.50 8.78 23.51
CA GLY D 24 4.12 9.40 22.36
C GLY D 24 5.46 8.82 21.99
N GLY D 25 6.34 8.78 22.99
CA GLY D 25 7.70 8.25 22.83
C GLY D 25 7.77 6.79 22.44
N ALA D 26 7.01 5.93 23.14
CA ALA D 26 6.87 4.52 22.77
C ALA D 26 6.35 4.36 21.35
N THR D 27 5.35 5.14 20.98
CA THR D 27 4.77 5.05 19.64
C THR D 27 5.76 5.34 18.51
N LEU D 28 6.48 6.46 18.61
CA LEU D 28 7.48 6.86 17.59
C LEU D 28 8.70 5.94 17.54
N ALA D 29 9.27 5.65 18.70
CA ALA D 29 10.24 4.55 18.80
C ALA D 29 9.74 3.25 18.15
N ARG D 30 8.51 2.85 18.48
CA ARG D 30 8.00 1.61 17.94
C ARG D 30 8.04 1.66 16.40
N CYS D 31 7.63 2.79 15.84
CA CYS D 31 7.54 2.95 14.38
C CYS D 31 8.90 2.95 13.68
N LEU D 32 9.88 3.65 14.25
CA LEU D 32 11.23 3.69 13.69
C LEU D 32 11.96 2.36 13.83
N ILE D 33 11.60 1.56 14.83
CA ILE D 33 12.17 0.20 14.99
C ILE D 33 11.49 -0.85 14.11
N VAL D 34 10.16 -0.89 14.10
CA VAL D 34 9.42 -1.92 13.35
C VAL D 34 9.39 -1.62 11.86
N TYR D 35 9.43 -0.33 11.51
CA TYR D 35 9.44 0.13 10.10
C TYR D 35 10.59 1.13 9.81
N PRO D 36 11.83 0.64 9.73
CA PRO D 36 13.07 1.45 9.78
C PRO D 36 13.28 2.51 8.68
N TRP D 37 12.63 2.33 7.53
CA TRP D 37 12.66 3.36 6.46
C TRP D 37 12.00 4.69 6.91
N THR D 38 11.23 4.65 7.99
CA THR D 38 10.62 5.89 8.50
C THR D 38 11.64 6.77 9.20
N GLN D 39 12.81 6.21 9.51
CA GLN D 39 13.90 6.97 10.13
C GLN D 39 14.38 8.07 9.23
N ARG D 40 14.38 7.82 7.93
CA ARG D 40 14.91 8.77 6.97
C ARG D 40 14.25 10.17 7.04
N TYR D 41 12.97 10.21 7.40
CA TYR D 41 12.24 11.48 7.59
C TYR D 41 12.74 12.29 8.80
N PHE D 42 13.41 11.60 9.72
CA PHE D 42 13.90 12.18 10.96
C PHE D 42 15.42 12.18 11.01
N GLY D 43 16.04 12.64 9.93
CA GLY D 43 17.49 12.53 9.77
C GLY D 43 18.31 13.30 10.79
N ASN D 44 17.80 14.44 11.23
CA ASN D 44 18.50 15.26 12.24
C ASN D 44 17.94 15.10 13.65
N PHE D 45 17.47 13.90 13.97
CA PHE D 45 16.89 13.60 15.29
C PHE D 45 17.76 12.72 16.17
N GLY D 46 19.09 12.84 16.02
CA GLY D 46 20.00 12.07 16.86
C GLY D 46 20.22 10.65 16.37
N ASN D 47 20.83 9.85 17.24
CA ASN D 47 21.29 8.50 16.92
C ASN D 47 20.14 7.50 16.75
N LEU D 48 20.08 6.88 15.58
CA LEU D 48 19.05 5.87 15.28
C LEU D 48 19.67 4.58 14.69
N TYR D 49 20.83 4.22 15.23
CA TYR D 49 21.62 3.09 14.74
C TYR D 49 20.96 1.73 14.98
N ASN D 50 20.18 1.65 16.06
CA ASN D 50 19.70 0.37 16.58
C ASN D 50 18.53 0.56 17.54
N ALA D 51 17.82 -0.53 17.83
CA ALA D 51 16.68 -0.51 18.75
C ALA D 51 16.98 0.24 20.05
N ALA D 52 18.04 -0.16 20.74
CA ALA D 52 18.39 0.47 22.03
C ALA D 52 18.80 1.94 21.91
N ALA D 53 19.27 2.33 20.72
CA ALA D 53 19.66 3.72 20.43
C ALA D 53 18.41 4.61 20.21
N ILE D 54 17.45 4.08 19.46
CA ILE D 54 16.18 4.76 19.27
C ILE D 54 15.49 4.89 20.63
N MET D 55 15.65 3.87 21.47
CA MET D 55 14.94 3.78 22.76
C MET D 55 15.43 4.79 23.78
N GLY D 56 16.70 5.21 23.67
CA GLY D 56 17.29 6.17 24.61
C GLY D 56 17.55 7.52 23.95
N ASN D 57 16.97 7.74 22.78
CA ASN D 57 17.13 9.00 22.06
C ASN D 57 16.22 10.05 22.67
N PRO D 58 16.79 11.12 23.26
CA PRO D 58 15.96 12.18 23.84
C PRO D 58 15.10 12.90 22.81
N MET D 59 15.59 13.02 21.59
CA MET D 59 14.85 13.75 20.54
C MET D 59 13.59 13.00 20.07
N ILE D 60 13.69 11.67 20.02
CA ILE D 60 12.59 10.81 19.61
C ILE D 60 11.51 10.77 20.70
N ALA D 61 11.93 10.82 21.96
CA ALA D 61 10.99 11.01 23.08
C ALA D 61 10.27 12.36 23.00
N LYS D 62 11.02 13.41 22.70
CA LYS D 62 10.47 14.76 22.57
C LYS D 62 9.44 14.80 21.45
N HIS D 63 9.80 14.31 20.26
CA HIS D 63 8.89 14.34 19.10
C HIS D 63 7.66 13.43 19.20
N GLY D 64 7.81 12.29 19.89
CA GLY D 64 6.64 11.47 20.20
C GLY D 64 5.63 12.24 21.02
N THR D 65 6.10 13.09 21.95
CA THR D 65 5.21 13.94 22.78
C THR D 65 4.47 14.93 21.88
N THR D 66 5.21 15.54 20.97
CA THR D 66 4.65 16.48 19.98
C THR D 66 3.54 15.85 19.11
N ILE D 67 3.79 14.66 18.59
CA ILE D 67 2.77 13.94 17.82
C ILE D 67 1.50 13.77 18.64
N LEU D 68 1.62 13.18 19.83
CA LEU D 68 0.47 13.02 20.73
C LEU D 68 -0.29 14.30 21.04
N HIS D 69 0.41 15.40 21.26
CA HIS D 69 -0.28 16.69 21.49
C HIS D 69 -0.96 17.19 20.21
N GLY D 70 -0.42 16.79 19.07
CA GLY D 70 -0.97 17.13 17.76
C GLY D 70 -2.28 16.40 17.59
N LEU D 71 -2.29 15.15 18.02
CA LEU D 71 -3.51 14.34 18.07
C LEU D 71 -4.60 14.89 19.02
N ASP D 72 -4.18 15.25 20.23
CA ASP D 72 -5.04 15.92 21.21
C ASP D 72 -5.73 17.16 20.59
N ARG D 73 -5.02 17.87 19.71
CA ARG D 73 -5.60 19.00 18.96
C ARG D 73 -6.82 18.60 18.15
N ALA D 74 -6.77 17.42 17.53
CA ALA D 74 -7.92 16.91 16.77
C ALA D 74 -9.07 16.50 17.71
N VAL D 75 -8.74 15.87 18.83
CA VAL D 75 -9.68 15.57 19.91
C VAL D 75 -10.43 16.83 20.43
N LYS D 76 -9.76 17.98 20.42
CA LYS D 76 -10.35 19.28 20.79
C LYS D 76 -11.12 19.97 19.65
N ASN D 77 -11.04 19.43 18.44
CA ASN D 77 -11.66 20.03 17.27
C ASN D 77 -12.29 18.95 16.35
N MET D 78 -13.05 18.05 16.97
CA MET D 78 -13.53 16.82 16.33
C MET D 78 -14.37 17.00 15.06
N ASP D 79 -15.04 18.16 14.99
CA ASP D 79 -15.94 18.48 13.89
C ASP D 79 -15.33 19.47 12.92
N ASN D 80 -14.03 19.67 13.06
CA ASN D 80 -13.27 20.58 12.20
C ASN D 80 -11.84 20.08 12.02
N ILE D 81 -11.67 18.77 11.89
CA ILE D 81 -10.34 18.17 11.91
C ILE D 81 -9.53 18.54 10.67
N LYS D 82 -10.17 18.45 9.50
CA LYS D 82 -9.53 18.85 8.26
C LYS D 82 -8.86 20.23 8.32
N ALA D 83 -9.62 21.23 8.75
CA ALA D 83 -9.16 22.62 8.80
C ALA D 83 -8.09 22.77 9.86
N THR D 84 -8.30 22.11 11.00
CA THR D 84 -7.36 22.12 12.11
C THR D 84 -6.02 21.59 11.67
N TYR D 85 -6.03 20.62 10.75
CA TYR D 85 -4.81 20.00 10.28
C TYR D 85 -4.24 20.57 8.96
N ALA D 86 -4.81 21.67 8.45
CA ALA D 86 -4.45 22.16 7.11
C ALA D 86 -2.95 22.50 6.95
N GLU D 87 -2.40 23.17 7.95
CA GLU D 87 -0.97 23.47 7.99
C GLU D 87 -0.10 22.23 8.18
N LEU D 88 -0.53 21.29 9.03
CA LEU D 88 0.19 20.02 9.23
C LEU D 88 0.24 19.18 7.95
N SER D 89 -0.87 19.16 7.22
CA SER D 89 -0.98 18.50 5.92
C SER D 89 0.06 19.04 4.94
N VAL D 90 0.20 20.36 4.87
CA VAL D 90 1.10 21.02 3.93
C VAL D 90 2.58 20.71 4.26
N LEU D 91 2.96 20.83 5.54
CA LEU D 91 4.26 20.40 6.05
C LEU D 91 4.59 18.93 5.67
N HIS D 92 3.73 18.01 6.08
CA HIS D 92 3.99 16.58 5.90
C HIS D 92 3.99 16.17 4.42
N SER D 93 3.27 16.90 3.59
CA SER D 93 3.18 16.55 2.15
CA SER D 93 3.20 16.52 2.18
C SER D 93 4.10 17.40 1.28
N GLU D 94 3.88 18.71 1.30
CA GLU D 94 4.62 19.66 0.46
C GLU D 94 6.08 19.90 0.85
N LYS D 95 6.36 19.96 2.15
CA LYS D 95 7.73 20.13 2.59
C LYS D 95 8.42 18.79 2.82
N LEU D 96 7.81 17.93 3.64
CA LEU D 96 8.46 16.69 4.09
C LEU D 96 8.27 15.50 3.14
N HIS D 97 7.24 15.58 2.30
CA HIS D 97 6.94 14.58 1.28
C HIS D 97 6.81 13.20 1.91
N VAL D 98 6.07 13.11 3.02
CA VAL D 98 5.88 11.86 3.73
C VAL D 98 4.91 10.99 2.93
N ASP D 99 5.36 9.84 2.50
CA ASP D 99 4.47 8.95 1.79
C ASP D 99 3.30 8.61 2.71
N PRO D 100 2.04 8.76 2.21
CA PRO D 100 0.86 8.57 3.06
C PRO D 100 0.72 7.19 3.76
N ASP D 101 1.37 6.14 3.25
CA ASP D 101 1.30 4.83 3.90
CA ASP D 101 1.32 4.82 3.91
C ASP D 101 2.02 4.85 5.27
N ASN D 102 2.97 5.78 5.44
CA ASN D 102 3.67 5.96 6.73
C ASN D 102 2.77 6.48 7.87
N PHE D 103 1.79 7.30 7.50
CA PHE D 103 0.76 7.74 8.44
C PHE D 103 -0.02 6.56 9.04
N LYS D 104 -0.31 5.58 8.19
CA LYS D 104 -1.00 4.37 8.62
C LYS D 104 -0.09 3.49 9.49
N LEU D 105 1.19 3.35 9.12
CA LEU D 105 2.16 2.62 9.93
C LEU D 105 2.29 3.20 11.34
N LEU D 106 2.42 4.53 11.42
CA LEU D 106 2.53 5.20 12.73
C LEU D 106 1.22 5.02 13.51
N SER D 107 0.08 5.21 12.83
CA SER D 107 -1.25 4.94 13.40
C SER D 107 -1.37 3.54 13.98
N ASP D 108 -0.90 2.54 13.23
CA ASP D 108 -0.95 1.14 13.71
C ASP D 108 -0.10 0.89 14.96
N CYS D 109 1.09 1.49 15.04
CA CYS D 109 1.98 1.45 16.21
C CYS D 109 1.34 2.08 17.43
N LEU D 110 0.70 3.24 17.22
CA LEU D 110 -0.04 3.90 18.28
C LEU D 110 -1.13 2.98 18.82
N THR D 111 -1.93 2.42 17.93
CA THR D 111 -3.03 1.54 18.34
C THR D 111 -2.56 0.37 19.23
N ILE D 112 -1.46 -0.27 18.80
CA ILE D 112 -0.88 -1.41 19.50
C ILE D 112 -0.27 -1.01 20.86
N VAL D 113 0.34 0.17 20.93
CA VAL D 113 0.80 0.78 22.20
C VAL D 113 -0.39 1.09 23.12
N VAL D 114 -1.45 1.62 22.53
CA VAL D 114 -2.70 1.88 23.26
C VAL D 114 -3.38 0.58 23.73
N ALA D 115 -3.41 -0.41 22.84
CA ALA D 115 -3.96 -1.74 23.14
C ALA D 115 -3.26 -2.41 24.33
N ALA D 116 -1.93 -2.32 24.35
CA ALA D 116 -1.12 -2.94 25.39
C ALA D 116 -1.32 -2.25 26.76
N GLN D 117 -1.61 -0.95 26.72
CA GLN D 117 -1.86 -0.22 27.94
C GLN D 117 -3.25 -0.41 28.52
N LEU D 118 -4.27 -0.29 27.69
CA LEU D 118 -5.67 -0.38 28.17
C LEU D 118 -6.20 -1.80 28.34
N GLY D 119 -5.59 -2.77 27.67
CA GLY D 119 -5.99 -4.16 27.78
C GLY D 119 -7.44 -4.37 27.39
N LYS D 120 -8.15 -5.20 28.16
CA LYS D 120 -9.53 -5.61 27.85
C LYS D 120 -10.53 -4.46 27.62
N ALA D 121 -10.22 -3.27 28.15
CA ALA D 121 -11.05 -2.08 27.93
C ALA D 121 -10.97 -1.57 26.48
N PHE D 122 -9.83 -1.82 25.83
CA PHE D 122 -9.65 -1.52 24.40
C PHE D 122 -10.34 -2.61 23.57
N SER D 123 -11.68 -2.55 23.52
CA SER D 123 -12.49 -3.56 22.84
C SER D 123 -12.63 -3.28 21.33
N GLY D 124 -13.38 -4.14 20.65
CA GLY D 124 -13.63 -3.98 19.22
C GLY D 124 -14.40 -2.71 18.90
N GLU D 125 -15.42 -2.40 19.72
CA GLU D 125 -16.22 -1.18 19.52
C GLU D 125 -15.38 0.05 19.82
N VAL D 126 -14.50 -0.09 20.81
CA VAL D 126 -13.57 0.98 21.21
C VAL D 126 -12.46 1.22 20.16
N GLN D 127 -11.82 0.13 19.71
CA GLN D 127 -10.88 0.18 18.60
C GLN D 127 -11.56 0.71 17.34
N ALA D 128 -12.85 0.40 17.15
CA ALA D 128 -13.64 0.94 16.03
C ALA D 128 -13.68 2.49 16.02
N ALA D 129 -14.03 3.07 17.16
CA ALA D 129 -14.06 4.51 17.35
C ALA D 129 -12.66 5.15 17.20
N PHE D 130 -11.66 4.49 17.76
CA PHE D 130 -10.27 4.93 17.66
C PHE D 130 -9.70 4.88 16.23
N GLN D 131 -10.04 3.83 15.49
CA GLN D 131 -9.62 3.71 14.09
C GLN D 131 -10.31 4.72 13.18
N LYS D 132 -11.59 4.96 13.41
CA LYS D 132 -12.36 5.98 12.70
C LYS D 132 -11.71 7.32 12.90
N PHE D 133 -11.34 7.61 14.16
CA PHE D 133 -10.65 8.85 14.50
C PHE D 133 -9.30 8.95 13.80
N LEU D 134 -8.48 7.90 13.90
CA LEU D 134 -7.18 7.91 13.21
C LEU D 134 -7.35 8.02 11.70
N SER D 135 -8.36 7.36 11.13
CA SER D 135 -8.65 7.46 9.72
C SER D 135 -8.92 8.88 9.26
N VAL D 136 -9.68 9.62 10.07
CA VAL D 136 -10.04 11.00 9.77
C VAL D 136 -8.77 11.84 9.86
N VAL D 137 -7.97 11.56 10.88
CA VAL D 137 -6.74 12.31 11.14
C VAL D 137 -5.74 12.12 9.99
N VAL D 138 -5.55 10.87 9.60
CA VAL D 138 -4.64 10.47 8.54
C VAL D 138 -5.06 11.10 7.21
N SER D 139 -6.36 11.03 6.91
CA SER D 139 -6.96 11.70 5.78
C SER D 139 -6.75 13.20 5.76
N ALA D 140 -6.85 13.86 6.91
CA ALA D 140 -6.59 15.30 7.02
C ALA D 140 -5.10 15.68 6.88
N LEU D 141 -4.20 14.74 7.17
CA LEU D 141 -2.72 14.98 7.11
C LEU D 141 -2.15 14.76 5.73
N GLY D 142 -2.81 13.90 4.97
CA GLY D 142 -2.42 13.64 3.59
C GLY D 142 -2.66 14.83 2.68
N LYS D 143 -2.14 14.73 1.47
CA LYS D 143 -2.23 15.81 0.50
C LYS D 143 -3.69 16.15 0.22
N GLN D 144 -4.01 17.44 0.24
CA GLN D 144 -5.35 17.89 -0.10
C GLN D 144 -5.42 18.29 -1.57
N TYR D 145 -6.17 17.50 -2.34
CA TYR D 145 -6.41 17.75 -3.78
C TYR D 145 -7.71 18.52 -3.93
N HIS D 146 -8.45 18.64 -2.83
CA HIS D 146 -9.73 19.33 -2.84
C HIS D 146 -9.72 20.50 -1.88
CHA HEM E . 21.78 4.23 -6.68
CHB HEM E . 19.57 0.56 -8.94
CHC HEM E . 15.39 2.28 -7.13
CHD HEM E . 17.53 6.09 -5.03
C1A HEM E . 21.56 3.11 -7.45
C2A HEM E . 22.57 2.35 -8.16
C3A HEM E . 21.96 1.32 -8.79
C4A HEM E . 20.55 1.41 -8.50
CMA HEM E . 22.61 0.23 -9.68
CAA HEM E . 24.08 2.70 -8.19
CBA HEM E . 24.76 2.23 -6.91
CGA HEM E . 26.12 2.89 -6.77
O1A HEM E . 26.28 4.08 -7.18
O2A HEM E . 27.05 2.22 -6.25
C1B HEM E . 18.23 0.71 -8.64
C2B HEM E . 17.16 -0.12 -9.13
C3B HEM E . 16.02 0.36 -8.63
C4B HEM E . 16.32 1.51 -7.81
CMB HEM E . 17.35 -1.35 -10.07
CAB HEM E . 14.57 -0.17 -8.81
CBB HEM E . 14.23 -1.18 -9.61
C1C HEM E . 15.59 3.48 -6.47
C2C HEM E . 14.54 4.35 -5.95
C3C HEM E . 15.12 5.41 -5.36
C4C HEM E . 16.55 5.25 -5.48
CMC HEM E . 13.04 4.03 -6.08
CAC HEM E . 14.43 6.59 -4.65
CBC HEM E . 13.66 7.48 -5.29
C1D HEM E . 18.88 5.94 -5.28
C2D HEM E . 19.92 6.85 -4.86
C3D HEM E . 21.23 6.26 -5.37
C4D HEM E . 20.85 5.05 -6.06
CMD HEM E . 19.74 8.15 -4.02
CAD HEM E . 22.66 6.83 -5.19
CBD HEM E . 22.86 7.98 -6.18
CGD HEM E . 24.31 8.25 -6.51
O1D HEM E . 25.25 7.62 -5.92
O2D HEM E . 24.51 9.14 -7.39
NA HEM E . 20.34 2.51 -7.68
NB HEM E . 17.69 1.70 -7.84
NC HEM E . 16.80 4.07 -6.16
ND HEM E . 19.46 4.90 -6.00
FE HEM E . 18.54 3.25 -6.95
C ACE F . 5.15 -13.46 -7.31
O ACE F . 6.19 -13.42 -7.98
CH3 ACE F . 4.01 -14.40 -7.59
CHA HEM G . -19.24 1.29 -10.97
CHB HEM G . -16.15 4.77 -12.34
CHC HEM G . -12.50 2.37 -10.21
CHD HEM G . -15.50 -1.28 -9.18
C1A HEM G . -18.73 2.44 -11.52
C2A HEM G . -19.47 3.42 -12.26
C3A HEM G . -18.63 4.37 -12.64
C4A HEM G . -17.30 4.02 -12.17
CMA HEM G . -18.94 5.66 -13.44
CAA HEM G . -21.00 3.36 -12.53
CBA HEM G . -21.72 3.99 -11.35
CGA HEM G . -23.16 4.19 -11.69
O1A HEM G . -23.62 5.36 -11.76
O2A HEM G . -23.84 3.15 -11.91
C1B HEM G . -14.90 4.45 -11.85
C2B HEM G . -13.70 5.28 -11.92
C3B HEM G . -12.70 4.60 -11.33
C4B HEM G . -13.25 3.34 -10.85
CMB HEM G . -13.62 6.70 -12.57
CAB HEM G . -11.22 5.02 -11.10
CBB HEM G . -10.53 5.68 -12.04
C1C HEM G . -12.98 1.14 -9.81
C2C HEM G . -12.20 0.03 -9.27
C3C HEM G . -13.04 -0.97 -8.98
C4C HEM G . -14.37 -0.53 -9.33
CMC HEM G . -10.67 0.02 -9.08
CAC HEM G . -12.69 -2.36 -8.39
CBC HEM G . -11.42 -2.66 -8.05
C1D HEM G . -16.77 -0.94 -9.59
C2D HEM G . -17.91 -1.81 -9.45
C3D HEM G . -19.07 -1.02 -10.01
C4D HEM G . -18.53 0.27 -10.40
CMD HEM G . -17.89 -3.25 -8.86
CAD HEM G . -20.53 -1.50 -10.12
CBD HEM G . -20.58 -2.53 -11.25
CGD HEM G . -21.89 -3.31 -11.26
O1D HEM G . -22.91 -2.69 -11.64
O2D HEM G . -21.91 -4.52 -10.90
NA HEM G . -17.41 2.82 -11.49
NB HEM G . -14.61 3.27 -11.19
NC HEM G . -14.31 0.75 -9.83
ND HEM G . -17.17 0.27 -10.16
FE HEM G . -15.90 1.81 -10.55
CHA HEM H . -10.55 -19.76 5.28
CHB HEM H . -6.33 -19.03 7.41
CHC HEM H . -6.68 -14.34 6.14
CHD HEM H . -11.03 -14.98 4.24
C1A HEM H . -9.38 -20.05 5.93
C2A HEM H . -8.88 -21.33 6.39
C3A HEM H . -7.69 -21.10 6.99
C4A HEM H . -7.43 -19.68 6.94
CMA HEM H . -6.71 -22.08 7.65
CAA HEM H . -9.57 -22.73 6.20
CBA HEM H . -11.10 -22.72 6.28
CGA HEM H . -11.82 -23.27 5.03
O1A HEM H . -12.98 -22.82 4.76
O2A HEM H . -11.26 -24.16 4.31
C1B HEM H . -6.04 -17.70 7.21
C2B HEM H . -4.80 -17.07 7.55
C3B HEM H . -4.89 -15.78 7.20
C4B HEM H . -6.18 -15.54 6.63
CMB HEM H . -3.60 -17.81 8.23
CAB HEM H . -3.79 -14.71 7.42
CBB HEM H . -3.30 -14.54 8.66
C1C HEM H . -7.90 -14.05 5.59
C2C HEM H . -8.47 -12.72 5.26
C3C HEM H . -9.69 -12.90 4.74
C4C HEM H . -9.93 -14.33 4.71
CMC HEM H . -7.77 -11.37 5.48
CAC HEM H . -10.68 -11.84 4.21
CBC HEM H . -10.85 -10.64 4.79
C1D HEM H . -11.30 -16.32 4.39
C2D HEM H . -12.58 -16.89 4.09
C3D HEM H . -12.41 -18.38 4.43
C4D HEM H . -11.05 -18.54 4.90
CMD HEM H . -13.84 -16.18 3.56
CAD HEM H . -13.52 -19.44 4.32
CBD HEM H . -14.45 -19.09 5.50
CGD HEM H . -15.67 -19.98 5.59
O1D HEM H . -16.17 -20.40 4.51
O2D HEM H . -16.13 -20.23 6.73
NA HEM H . -8.47 -19.08 6.29
NB HEM H . -6.86 -16.76 6.64
NC HEM H . -8.85 -14.97 5.24
ND HEM H . -10.41 -17.30 4.87
FE HEM H . -8.51 -16.99 5.74
C ACE I . 12.06 -12.18 -1.92
O ACE I . 12.74 -11.70 -1.00
CH3 ACE I . 10.85 -13.08 -1.66
CHA HEM J . 6.33 17.21 12.66
CHB HEM J . 1.99 15.52 14.05
CHC HEM J . 2.94 11.58 11.39
CHD HEM J . 7.33 13.09 10.17
C1A HEM J . 5.08 17.10 13.26
C2A HEM J . 4.46 18.09 14.15
C3A HEM J . 3.27 17.63 14.53
C4A HEM J . 3.08 16.33 13.91
CMA HEM J . 2.26 18.32 15.48
CAA HEM J . 5.05 19.45 14.56
CBA HEM J . 4.97 20.32 13.30
CGA HEM J . 5.53 21.71 13.53
O1A HEM J . 4.87 22.69 13.14
O2A HEM J . 6.64 21.84 14.10
C1B HEM J . 1.87 14.31 13.43
C2B HEM J . 0.73 13.42 13.52
C3B HEM J . 1.03 12.32 12.77
C4B HEM J . 2.34 12.50 12.20
CMB HEM J . -0.56 13.74 14.32
CAB HEM J . 0.21 11.04 12.46
CBB HEM J . -0.96 10.77 13.07
C1C HEM J . 4.19 11.59 10.86
C2C HEM J . 4.84 10.51 10.16
C3C HEM J . 6.06 10.94 9.83
C4C HEM J . 6.23 12.29 10.30
CMC HEM J . 4.22 9.11 9.86
CAC HEM J . 7.15 10.18 9.07
CBC HEM J . 7.20 8.84 9.11
C1D HEM J . 7.49 14.35 10.74
C2D HEM J . 8.66 15.16 10.63
C3D HEM J . 8.32 16.45 11.40
C4D HEM J . 7.00 16.28 11.91
CMD HEM J . 9.98 14.83 9.90
CAD HEM J . 9.25 17.67 11.60
CBD HEM J . 10.30 17.30 12.64
CGD HEM J . 11.27 18.45 12.82
O1D HEM J . 10.81 19.60 13.02
O2D HEM J . 12.52 18.19 12.73
NA HEM J . 4.20 16.04 13.13
NB HEM J . 2.84 13.72 12.61
NC HEM J . 5.05 12.65 10.94
ND HEM J . 6.52 15.02 11.51
FE HEM J . 4.64 14.28 11.96
#